data_1PKD
#
_entry.id   1PKD
#
_cell.length_a   73.62
_cell.length_b   134.57
_cell.length_c   147.97
_cell.angle_alpha   90.00
_cell.angle_beta   90.00
_cell.angle_gamma   90.00
#
_symmetry.space_group_name_H-M   'P 21 21 21'
#
loop_
_entity.id
_entity.type
_entity.pdbx_description
1 polymer 'Cell division protein kinase 2'
2 polymer 'Cyclin A2'
3 non-polymer 7-HYDROXYSTAUROSPORINE
4 water water
#
loop_
_entity_poly.entity_id
_entity_poly.type
_entity_poly.pdbx_seq_one_letter_code
_entity_poly.pdbx_strand_id
1 'polypeptide(L)'
;SMENFQKVEKIGEGTYGVVYKARNKLTGEVVALKKIRLDTETEGVPSTAIREISLLKELNHPNIVKLLDVIHTENKLYLV
FEFLHQDLKKFMDASALTGIPLPLIKSYLFQLLQGLAFCHSHRVLHRDLKPQNLLINTEGAIKLADFGLARAFGVPVRTY
(TPO)HEVVTLWYRAPEILLGCKYYSTAVDIWSLGCIFAEMVTRRALFPGDSEIDQLFRIFRTLGTPDEVVWPGVTSMPD
YKPSFPKWARQDFSKVVPPLDEDGRSLLSQMLHYDPNKRISAKAALAHPFFQDVTKPVPHL
;
A,C
2 'polypeptide(L)'
;VPDYHEDIHTYLREMEVKCKPKVGYMKKQPDITNSMRAILVDWLVEVGEEYKLQNETLHLAVNYIDRFLSSMSVLRGKLQ
LVGTAAMLLASKFEEIYPPEVAEFVYITDDTYTKKQVLRMEHLVLKVLTFDLAAPTVNQFLTQYFLHQQPANCKVESLAM
FLGELSLIDADPYLKYLPSVIAGAAFHLALYTVTGQSWPESLIRKTGYTLESLKPCLMDLHQTYLKAPQHAQQSIREKYK
NSKYHGVSLLNPPETLNL
;
B,D
#
loop_
_chem_comp.id
_chem_comp.type
_chem_comp.name
_chem_comp.formula
UCN non-polymer 7-HYDROXYSTAUROSPORINE 'C28 H26 N4 O4'
#
# COMPACT_ATOMS: atom_id res chain seq x y z
N SER A 1 -19.11 -56.04 -10.56
CA SER A 1 -18.24 -54.84 -10.34
C SER A 1 -18.43 -54.32 -8.92
N MET A 2 -19.69 -54.19 -8.56
CA MET A 2 -20.14 -53.73 -7.26
C MET A 2 -20.24 -54.86 -6.25
N GLU A 3 -19.87 -56.06 -6.67
CA GLU A 3 -20.02 -57.25 -5.85
C GLU A 3 -19.08 -57.25 -4.63
N ASN A 4 -17.99 -56.50 -4.68
CA ASN A 4 -17.11 -56.42 -3.52
C ASN A 4 -17.49 -55.35 -2.50
N PHE A 5 -18.53 -54.57 -2.82
CA PHE A 5 -19.01 -53.52 -1.92
C PHE A 5 -20.34 -53.88 -1.25
N GLN A 6 -20.50 -53.43 -0.02
CA GLN A 6 -21.65 -53.74 0.80
C GLN A 6 -22.16 -52.43 1.40
N LYS A 7 -23.29 -51.95 0.87
CA LYS A 7 -23.86 -50.67 1.29
C LYS A 7 -24.28 -50.70 2.75
N VAL A 8 -23.86 -49.68 3.50
CA VAL A 8 -24.17 -49.62 4.91
C VAL A 8 -25.37 -48.72 5.18
N GLU A 9 -25.34 -47.51 4.61
CA GLU A 9 -26.43 -46.56 4.76
C GLU A 9 -26.30 -45.41 3.77
N LYS A 10 -27.44 -44.83 3.39
CA LYS A 10 -27.47 -43.60 2.61
C LYS A 10 -26.87 -42.48 3.46
N ILE A 11 -26.11 -41.59 2.84
CA ILE A 11 -25.28 -40.63 3.54
C ILE A 11 -25.49 -39.18 3.07
N GLY A 12 -26.03 -39.03 1.86
CA GLY A 12 -26.22 -37.74 1.24
C GLY A 12 -26.70 -37.92 -0.18
N GLU A 13 -26.84 -36.82 -0.89
CA GLU A 13 -27.45 -36.84 -2.23
C GLU A 13 -27.11 -35.58 -3.02
N GLY A 14 -26.93 -35.74 -4.32
CA GLY A 14 -26.68 -34.63 -5.22
C GLY A 14 -27.83 -34.41 -6.19
N THR A 15 -27.51 -33.99 -7.41
CA THR A 15 -28.51 -33.79 -8.43
C THR A 15 -28.65 -35.04 -9.28
N TYR A 16 -27.51 -35.67 -9.54
CA TYR A 16 -27.48 -36.92 -10.28
C TYR A 16 -27.21 -38.07 -9.32
N GLY A 17 -26.27 -37.84 -8.40
CA GLY A 17 -25.78 -38.89 -7.53
C GLY A 17 -26.39 -39.01 -6.15
N VAL A 18 -26.47 -40.25 -5.69
CA VAL A 18 -26.81 -40.57 -4.31
C VAL A 18 -25.55 -41.12 -3.66
N VAL A 19 -25.23 -40.65 -2.47
CA VAL A 19 -24.01 -41.09 -1.79
C VAL A 19 -24.34 -42.02 -0.64
N TYR A 20 -23.74 -43.22 -0.66
CA TYR A 20 -23.81 -44.21 0.41
C TYR A 20 -22.48 -44.44 1.11
N LYS A 21 -22.52 -44.66 2.42
CA LYS A 21 -21.42 -45.28 3.15
C LYS A 21 -21.45 -46.75 2.77
N ALA A 22 -20.31 -47.31 2.41
CA ALA A 22 -20.24 -48.71 2.01
C ALA A 22 -18.92 -49.30 2.47
N ARG A 23 -18.80 -50.63 2.41
CA ARG A 23 -17.60 -51.29 2.88
C ARG A 23 -17.10 -52.30 1.86
N ASN A 24 -15.78 -52.36 1.67
CA ASN A 24 -15.17 -53.33 0.78
C ASN A 24 -15.08 -54.66 1.51
N LYS A 25 -15.81 -55.66 1.03
CA LYS A 25 -15.93 -56.92 1.78
C LYS A 25 -14.60 -57.65 1.89
N LEU A 26 -13.72 -57.41 0.91
CA LEU A 26 -12.44 -58.11 0.83
C LEU A 26 -11.28 -57.40 1.55
N THR A 27 -11.20 -56.07 1.43
CA THR A 27 -10.15 -55.32 2.13
C THR A 27 -10.64 -54.74 3.47
N GLY A 28 -11.95 -54.66 3.63
CA GLY A 28 -12.56 -54.09 4.82
C GLY A 28 -12.65 -52.58 4.80
N GLU A 29 -12.08 -51.97 3.77
CA GLU A 29 -12.05 -50.52 3.71
C GLU A 29 -13.48 -49.96 3.61
N VAL A 30 -13.77 -48.98 4.46
CA VAL A 30 -15.00 -48.21 4.39
C VAL A 30 -14.77 -47.09 3.38
N VAL A 31 -15.74 -46.91 2.50
CA VAL A 31 -15.66 -45.99 1.37
C VAL A 31 -16.98 -45.23 1.24
N ALA A 32 -16.97 -44.17 0.46
CA ALA A 32 -18.19 -43.49 0.05
C ALA A 32 -18.44 -43.74 -1.43
N LEU A 33 -19.63 -44.25 -1.74
CA LEU A 33 -20.03 -44.57 -3.10
C LEU A 33 -21.04 -43.57 -3.60
N LYS A 34 -20.69 -42.85 -4.65
CA LYS A 34 -21.61 -41.92 -5.28
C LYS A 34 -22.17 -42.59 -6.53
N LYS A 35 -23.44 -42.95 -6.44
CA LYS A 35 -24.13 -43.58 -7.54
C LYS A 35 -24.65 -42.48 -8.46
N ILE A 36 -24.17 -42.46 -9.70
CA ILE A 36 -24.57 -41.47 -10.69
C ILE A 36 -25.47 -42.13 -11.73
N ARG A 37 -26.69 -41.62 -11.87
CA ARG A 37 -27.66 -42.20 -12.82
C ARG A 37 -27.38 -41.77 -14.26
N LEU A 38 -27.44 -42.71 -15.19
CA LEU A 38 -27.18 -42.43 -16.59
C LEU A 38 -28.39 -42.70 -17.48
N ASP A 39 -28.62 -41.80 -18.45
CA ASP A 39 -29.71 -41.97 -19.40
C ASP A 39 -29.23 -41.98 -20.85
N THR A 40 -29.54 -43.07 -21.54
CA THR A 40 -29.21 -43.24 -22.96
C THR A 40 -30.05 -42.32 -23.83
N GLU A 41 -31.36 -42.27 -23.54
CA GLU A 41 -32.29 -41.51 -24.38
C GLU A 41 -32.43 -40.05 -23.92
N THR A 42 -31.29 -39.41 -23.63
CA THR A 42 -31.26 -38.00 -23.20
C THR A 42 -29.94 -37.30 -23.56
N GLU A 43 -29.04 -37.18 -22.59
CA GLU A 43 -27.82 -36.39 -22.78
C GLU A 43 -26.53 -37.17 -22.54
N GLY A 44 -26.64 -38.35 -21.94
CA GLY A 44 -25.48 -39.21 -21.73
C GLY A 44 -24.88 -39.03 -20.35
N VAL A 45 -23.56 -39.06 -20.27
CA VAL A 45 -22.85 -38.77 -19.02
C VAL A 45 -22.85 -37.26 -18.77
N PRO A 46 -23.43 -36.84 -17.64
CA PRO A 46 -23.49 -35.42 -17.25
C PRO A 46 -22.11 -34.78 -17.27
N SER A 47 -22.01 -33.55 -17.75
CA SER A 47 -20.73 -32.82 -17.78
C SER A 47 -20.11 -32.65 -16.39
N THR A 48 -20.95 -32.52 -15.36
CA THR A 48 -20.45 -32.40 -14.00
C THR A 48 -19.68 -33.64 -13.61
N ALA A 49 -20.18 -34.82 -14.01
CA ALA A 49 -19.46 -36.06 -13.73
C ALA A 49 -18.22 -36.17 -14.61
N ILE A 50 -18.28 -35.67 -15.83
CA ILE A 50 -17.13 -35.76 -16.72
C ILE A 50 -15.95 -34.95 -16.15
N ARG A 51 -16.26 -33.77 -15.62
CA ARG A 51 -15.25 -32.94 -14.97
C ARG A 51 -14.84 -33.47 -13.59
N GLU A 52 -15.82 -33.79 -12.74
CA GLU A 52 -15.48 -34.27 -11.41
C GLU A 52 -14.46 -35.42 -11.52
N ILE A 53 -14.75 -36.41 -12.36
CA ILE A 53 -13.89 -37.61 -12.50
C ILE A 53 -12.53 -37.29 -13.09
N SER A 54 -12.48 -36.75 -14.30
CA SER A 54 -11.19 -36.41 -14.93
C SER A 54 -10.33 -35.43 -14.10
N LEU A 55 -10.97 -34.46 -13.45
CA LEU A 55 -10.18 -33.57 -12.61
C LEU A 55 -9.73 -34.29 -11.36
N LEU A 56 -10.63 -35.08 -10.77
CA LEU A 56 -10.29 -35.74 -9.51
C LEU A 56 -9.20 -36.84 -9.58
N LYS A 57 -9.04 -37.48 -10.73
CA LYS A 57 -7.95 -38.47 -10.89
C LYS A 57 -6.56 -37.84 -10.98
N GLU A 58 -6.50 -36.53 -11.18
CA GLU A 58 -5.21 -35.82 -11.22
C GLU A 58 -4.84 -35.27 -9.84
N LEU A 59 -5.82 -35.16 -8.96
CA LEU A 59 -5.66 -34.46 -7.69
C LEU A 59 -5.48 -35.43 -6.55
N ASN A 60 -4.30 -36.02 -6.45
CA ASN A 60 -4.05 -36.84 -5.30
C ASN A 60 -3.21 -36.09 -4.26
N HIS A 61 -3.85 -35.86 -3.12
CA HIS A 61 -3.33 -34.96 -2.14
C HIS A 61 -4.01 -35.31 -0.82
N PRO A 62 -3.27 -35.28 0.29
CA PRO A 62 -3.85 -35.66 1.58
C PRO A 62 -5.04 -34.80 2.05
N ASN A 63 -5.27 -33.64 1.45
CA ASN A 63 -6.38 -32.77 1.88
C ASN A 63 -7.38 -32.58 0.77
N ILE A 64 -7.38 -33.52 -0.16
CA ILE A 64 -8.40 -33.59 -1.17
C ILE A 64 -8.95 -35.02 -1.05
N VAL A 65 -10.26 -35.15 -0.84
CA VAL A 65 -10.86 -36.47 -0.76
C VAL A 65 -10.58 -37.27 -2.03
N LYS A 66 -9.98 -38.43 -1.85
CA LYS A 66 -9.47 -39.24 -2.94
C LYS A 66 -10.52 -40.08 -3.65
N LEU A 67 -10.54 -39.98 -4.97
CA LEU A 67 -11.33 -40.86 -5.80
C LEU A 67 -10.54 -42.14 -5.99
N LEU A 68 -11.04 -43.23 -5.42
CA LEU A 68 -10.37 -44.53 -5.42
C LEU A 68 -10.61 -45.32 -6.68
N ASP A 69 -11.79 -45.15 -7.28
CA ASP A 69 -12.21 -45.98 -8.39
C ASP A 69 -13.48 -45.48 -9.05
N VAL A 70 -13.62 -45.80 -10.33
CA VAL A 70 -14.84 -45.51 -11.07
C VAL A 70 -15.37 -46.83 -11.57
N ILE A 71 -16.58 -47.18 -11.16
CA ILE A 71 -17.17 -48.42 -11.63
C ILE A 71 -18.26 -48.18 -12.67
N HIS A 72 -18.08 -48.81 -13.83
CA HIS A 72 -18.92 -48.60 -14.98
C HIS A 72 -20.00 -49.65 -15.08
N THR A 73 -20.82 -49.47 -16.10
CA THR A 73 -22.07 -50.18 -16.26
C THR A 73 -22.78 -49.35 -17.31
N GLU A 74 -23.52 -50.00 -18.19
CA GLU A 74 -24.18 -49.30 -19.28
C GLU A 74 -25.33 -48.45 -18.75
N ASN A 75 -25.78 -48.78 -17.54
CA ASN A 75 -26.84 -48.06 -16.86
C ASN A 75 -26.35 -47.04 -15.82
N LYS A 76 -25.26 -47.37 -15.12
CA LYS A 76 -24.81 -46.56 -13.98
C LYS A 76 -23.29 -46.32 -13.90
N LEU A 77 -22.95 -45.26 -13.17
CA LEU A 77 -21.59 -44.87 -12.92
C LEU A 77 -21.47 -44.78 -11.41
N TYR A 78 -20.55 -45.55 -10.86
CA TYR A 78 -20.31 -45.56 -9.42
C TYR A 78 -18.94 -44.98 -9.16
N LEU A 79 -18.89 -43.94 -8.33
CA LEU A 79 -17.63 -43.36 -7.92
C LEU A 79 -17.32 -43.82 -6.53
N VAL A 80 -16.12 -44.35 -6.35
CA VAL A 80 -15.67 -44.82 -5.04
C VAL A 80 -14.68 -43.84 -4.44
N PHE A 81 -15.09 -43.19 -3.36
CA PHE A 81 -14.30 -42.21 -2.66
C PHE A 81 -13.85 -42.76 -1.31
N GLU A 82 -12.71 -42.27 -0.87
CA GLU A 82 -12.27 -42.36 0.50
C GLU A 82 -13.40 -41.82 1.41
N PHE A 83 -13.59 -42.46 2.57
CA PHE A 83 -14.68 -42.11 3.46
C PHE A 83 -14.22 -41.21 4.62
N LEU A 84 -15.00 -40.16 4.88
CA LEU A 84 -14.71 -39.26 5.99
C LEU A 84 -15.96 -39.13 6.84
N HIS A 85 -15.80 -38.93 8.13
CA HIS A 85 -16.88 -39.14 9.10
C HIS A 85 -17.95 -38.04 9.15
N GLN A 86 -17.56 -36.78 9.11
CA GLN A 86 -18.55 -35.71 8.86
C GLN A 86 -18.04 -34.54 8.04
N ASP A 87 -18.97 -33.62 7.75
CA ASP A 87 -18.67 -32.36 7.09
C ASP A 87 -18.44 -31.27 8.13
N LEU A 88 -17.92 -30.13 7.71
CA LEU A 88 -17.54 -29.06 8.63
C LEU A 88 -18.74 -28.35 9.27
N LYS A 89 -19.81 -28.17 8.50
CA LYS A 89 -21.01 -27.53 9.01
C LYS A 89 -21.62 -28.32 10.17
N LYS A 90 -21.77 -29.64 10.02
CA LYS A 90 -22.29 -30.49 11.09
C LYS A 90 -21.42 -30.41 12.33
N PHE A 91 -20.10 -30.38 12.14
CA PHE A 91 -19.18 -30.22 13.25
C PHE A 91 -19.39 -28.89 13.98
N MET A 92 -19.63 -27.83 13.22
CA MET A 92 -19.91 -26.50 13.77
C MET A 92 -21.25 -26.41 14.51
N ASP A 93 -22.30 -27.03 13.95
CA ASP A 93 -23.61 -27.15 14.60
C ASP A 93 -23.54 -27.90 15.94
N ALA A 94 -22.56 -28.80 16.07
CA ALA A 94 -22.36 -29.57 17.29
C ALA A 94 -21.29 -28.96 18.22
N SER A 95 -20.60 -27.93 17.73
CA SER A 95 -19.67 -27.13 18.52
C SER A 95 -20.35 -25.81 18.90
N ALA A 96 -21.65 -25.74 18.65
CA ALA A 96 -22.42 -24.49 18.73
C ALA A 96 -22.56 -23.89 20.14
N LEU A 97 -22.17 -24.64 21.16
CA LEU A 97 -22.26 -24.16 22.54
C LEU A 97 -20.92 -23.64 23.08
N THR A 98 -19.84 -24.32 22.73
CA THR A 98 -18.51 -23.96 23.21
C THR A 98 -17.69 -23.21 22.17
N GLY A 99 -17.91 -23.55 20.91
CA GLY A 99 -17.10 -23.03 19.84
C GLY A 99 -15.97 -23.98 19.48
N ILE A 100 -15.27 -23.64 18.41
CA ILE A 100 -14.14 -24.42 17.93
C ILE A 100 -12.87 -23.76 18.44
N PRO A 101 -12.04 -24.52 19.16
CA PRO A 101 -10.80 -23.99 19.71
C PRO A 101 -9.85 -23.52 18.62
N LEU A 102 -9.19 -22.40 18.87
CA LEU A 102 -8.29 -21.75 17.92
C LEU A 102 -7.20 -22.65 17.31
N PRO A 103 -6.61 -23.56 18.08
CA PRO A 103 -5.67 -24.54 17.52
C PRO A 103 -6.28 -25.37 16.38
N LEU A 104 -7.54 -25.77 16.54
CA LEU A 104 -8.23 -26.57 15.54
C LEU A 104 -8.55 -25.77 14.27
N ILE A 105 -9.01 -24.53 14.46
CA ILE A 105 -9.27 -23.61 13.37
C ILE A 105 -8.01 -23.34 12.52
N LYS A 106 -6.88 -23.16 13.19
CA LYS A 106 -5.61 -22.90 12.55
C LYS A 106 -5.16 -24.13 11.76
N SER A 107 -5.35 -25.30 12.36
CA SER A 107 -5.04 -26.56 11.71
C SER A 107 -5.90 -26.80 10.49
N TYR A 108 -7.18 -26.48 10.60
CA TYR A 108 -8.12 -26.72 9.51
C TYR A 108 -7.83 -25.79 8.37
N LEU A 109 -7.68 -24.50 8.70
CA LEU A 109 -7.31 -23.52 7.69
C LEU A 109 -6.05 -23.89 6.91
N PHE A 110 -5.01 -24.28 7.65
CA PHE A 110 -3.71 -24.61 7.09
C PHE A 110 -3.79 -25.83 6.16
N GLN A 111 -4.62 -26.80 6.53
CA GLN A 111 -4.88 -27.98 5.71
C GLN A 111 -5.66 -27.65 4.44
N LEU A 112 -6.69 -26.83 4.60
CA LEU A 112 -7.48 -26.35 3.47
C LEU A 112 -6.66 -25.58 2.45
N LEU A 113 -5.80 -24.70 2.94
CA LEU A 113 -4.92 -23.90 2.08
C LEU A 113 -3.95 -24.81 1.32
N GLN A 114 -3.51 -25.89 1.94
CA GLN A 114 -2.69 -26.88 1.26
C GLN A 114 -3.42 -27.56 0.11
N GLY A 115 -4.65 -28.03 0.35
CA GLY A 115 -5.47 -28.67 -0.66
C GLY A 115 -5.78 -27.72 -1.79
N LEU A 116 -6.16 -26.50 -1.42
CA LEU A 116 -6.43 -25.45 -2.38
C LEU A 116 -5.22 -25.05 -3.20
N ALA A 117 -4.03 -24.98 -2.59
CA ALA A 117 -2.84 -24.61 -3.37
C ALA A 117 -2.46 -25.74 -4.32
N PHE A 118 -2.70 -26.98 -3.89
CA PHE A 118 -2.53 -28.13 -4.78
C PHE A 118 -3.48 -28.04 -5.97
N CYS A 119 -4.77 -27.76 -5.76
CA CYS A 119 -5.69 -27.58 -6.92
C CYS A 119 -5.23 -26.51 -7.90
N HIS A 120 -4.92 -25.33 -7.38
CA HIS A 120 -4.54 -24.22 -8.26
C HIS A 120 -3.24 -24.46 -9.01
N SER A 121 -2.29 -25.16 -8.40
CA SER A 121 -1.02 -25.40 -9.07
C SER A 121 -1.21 -26.55 -10.08
N HIS A 122 -2.38 -27.18 -10.06
CA HIS A 122 -2.75 -28.18 -11.05
C HIS A 122 -3.88 -27.69 -11.97
N ARG A 123 -3.93 -26.36 -12.13
CA ARG A 123 -4.95 -25.65 -12.90
C ARG A 123 -6.43 -26.06 -12.71
N VAL A 124 -6.83 -26.28 -11.46
CA VAL A 124 -8.22 -26.61 -11.15
C VAL A 124 -8.81 -25.56 -10.21
N LEU A 125 -9.99 -25.06 -10.58
CA LEU A 125 -10.81 -24.21 -9.71
C LEU A 125 -11.87 -25.09 -9.10
N HIS A 126 -12.10 -24.99 -7.81
CA HIS A 126 -13.12 -25.80 -7.14
C HIS A 126 -14.51 -25.20 -7.39
N ARG A 127 -14.65 -23.92 -7.03
CA ARG A 127 -15.84 -23.11 -7.30
C ARG A 127 -17.08 -23.45 -6.47
N ASP A 128 -16.90 -24.10 -5.34
CA ASP A 128 -17.99 -24.36 -4.42
C ASP A 128 -17.47 -24.71 -3.04
N LEU A 129 -16.46 -23.98 -2.59
CA LEU A 129 -15.99 -24.13 -1.22
C LEU A 129 -17.03 -23.52 -0.30
N LYS A 130 -17.48 -24.34 0.66
CA LYS A 130 -18.44 -23.96 1.68
C LYS A 130 -18.33 -25.09 2.65
N PRO A 131 -18.71 -24.89 3.92
CA PRO A 131 -18.40 -25.90 4.95
C PRO A 131 -19.04 -27.27 4.75
N GLN A 132 -20.14 -27.36 4.02
CA GLN A 132 -20.79 -28.65 3.71
C GLN A 132 -19.90 -29.50 2.80
N ASN A 133 -19.07 -28.85 1.98
CA ASN A 133 -18.14 -29.57 1.09
C ASN A 133 -16.78 -29.85 1.67
N LEU A 134 -16.64 -29.65 2.97
CA LEU A 134 -15.35 -29.87 3.58
C LEU A 134 -15.49 -30.97 4.58
N LEU A 135 -14.87 -32.11 4.30
CA LEU A 135 -15.06 -33.28 5.15
C LEU A 135 -13.91 -33.46 6.14
N ILE A 136 -14.24 -33.99 7.31
CA ILE A 136 -13.30 -34.12 8.41
C ILE A 136 -13.30 -35.57 8.89
N ASN A 137 -12.14 -36.10 9.25
CA ASN A 137 -12.10 -37.46 9.80
C ASN A 137 -11.76 -37.42 11.29
N THR A 138 -11.66 -38.59 11.91
CA THR A 138 -11.35 -38.63 13.34
C THR A 138 -9.89 -38.38 13.68
N GLU A 139 -9.02 -38.25 12.66
CA GLU A 139 -7.60 -37.98 12.86
C GLU A 139 -7.30 -36.48 12.85
N GLY A 140 -8.30 -35.68 12.55
CA GLY A 140 -8.10 -34.24 12.49
C GLY A 140 -7.73 -33.73 11.11
N ALA A 141 -7.74 -34.62 10.11
CA ALA A 141 -7.64 -34.15 8.73
C ALA A 141 -8.95 -33.46 8.31
N ILE A 142 -8.83 -32.46 7.45
CA ILE A 142 -9.95 -31.89 6.75
C ILE A 142 -9.58 -31.90 5.25
N LYS A 143 -10.56 -32.18 4.40
CA LYS A 143 -10.34 -32.33 2.98
C LYS A 143 -11.43 -31.74 2.11
N LEU A 144 -11.02 -31.30 0.92
CA LEU A 144 -11.95 -30.75 -0.05
C LEU A 144 -12.73 -31.87 -0.74
N ALA A 145 -14.05 -31.67 -0.86
CA ALA A 145 -14.92 -32.64 -1.49
C ALA A 145 -15.84 -31.93 -2.45
N ASP A 146 -16.58 -32.73 -3.21
CA ASP A 146 -17.47 -32.29 -4.28
C ASP A 146 -16.83 -31.39 -5.32
N PHE A 147 -16.18 -32.02 -6.30
CA PHE A 147 -15.59 -31.34 -7.43
C PHE A 147 -16.58 -31.29 -8.59
N GLY A 148 -17.87 -31.38 -8.27
CA GLY A 148 -18.91 -31.27 -9.27
C GLY A 148 -18.90 -29.97 -10.05
N LEU A 149 -18.58 -28.88 -9.39
CA LEU A 149 -18.58 -27.56 -10.04
C LEU A 149 -17.19 -27.11 -10.52
N ALA A 150 -16.17 -27.94 -10.35
CA ALA A 150 -14.80 -27.55 -10.68
C ALA A 150 -14.62 -27.39 -12.18
N ARG A 151 -13.52 -26.74 -12.57
CA ARG A 151 -13.12 -26.75 -13.97
C ARG A 151 -11.62 -26.57 -14.15
N ALA A 152 -11.09 -27.13 -15.22
CA ALA A 152 -9.69 -26.92 -15.55
C ALA A 152 -9.59 -25.51 -16.15
N PHE A 153 -8.74 -24.66 -15.58
CA PHE A 153 -8.54 -23.32 -16.14
C PHE A 153 -7.27 -23.19 -17.01
N GLY A 154 -7.22 -22.14 -17.83
CA GLY A 154 -6.09 -21.88 -18.72
C GLY A 154 -5.34 -20.68 -18.18
N VAL A 155 -4.13 -20.42 -18.66
CA VAL A 155 -3.34 -19.54 -17.82
C VAL A 155 -3.70 -18.04 -17.74
N PRO A 156 -3.74 -17.27 -18.83
CA PRO A 156 -4.69 -16.16 -18.77
C PRO A 156 -5.95 -17.00 -18.86
N VAL A 157 -6.81 -16.95 -17.84
CA VAL A 157 -8.10 -17.61 -17.92
C VAL A 157 -8.87 -16.99 -19.08
N ARG A 158 -9.98 -17.61 -19.46
CA ARG A 158 -10.94 -16.88 -20.27
C ARG A 158 -12.24 -16.83 -19.49
N THR A 159 -13.29 -16.33 -20.13
CA THR A 159 -14.63 -16.32 -19.54
C THR A 159 -15.14 -17.72 -19.32
N TYR A 160 -15.58 -18.00 -18.10
CA TYR A 160 -16.18 -19.28 -17.74
C TYR A 160 -17.57 -19.02 -17.20
N TPO A 161 -18.27 -20.09 -16.82
CA TPO A 161 -19.63 -20.02 -16.30
CB TPO A 161 -20.00 -21.39 -15.70
CG2 TPO A 161 -21.45 -21.43 -15.24
OG1 TPO A 161 -19.83 -22.36 -16.72
P TPO A 161 -18.72 -23.52 -16.61
O1P TPO A 161 -18.80 -24.35 -17.95
O2P TPO A 161 -17.31 -22.79 -16.52
O3P TPO A 161 -19.01 -24.43 -15.36
C TPO A 161 -19.77 -18.96 -15.25
O TPO A 161 -18.99 -18.92 -14.32
N HIS A 162 -20.75 -18.07 -15.40
CA HIS A 162 -21.02 -17.02 -14.40
C HIS A 162 -21.79 -17.51 -13.18
N GLU A 163 -22.65 -18.50 -13.38
CA GLU A 163 -23.53 -18.99 -12.33
C GLU A 163 -22.72 -19.83 -11.37
N VAL A 164 -21.91 -19.19 -10.50
CA VAL A 164 -20.87 -19.95 -9.80
C VAL A 164 -20.62 -19.58 -8.33
N VAL A 165 -20.48 -20.63 -7.51
CA VAL A 165 -20.26 -20.55 -6.08
C VAL A 165 -21.58 -20.28 -5.35
N THR A 166 -21.85 -21.04 -4.31
CA THR A 166 -23.00 -20.79 -3.44
C THR A 166 -22.95 -19.35 -2.99
N LEU A 167 -24.11 -18.69 -2.99
CA LEU A 167 -24.19 -17.26 -2.76
C LEU A 167 -23.30 -16.69 -1.64
N TRP A 168 -23.39 -17.29 -0.47
CA TRP A 168 -22.76 -16.75 0.75
C TRP A 168 -21.25 -16.70 0.65
N TYR A 169 -20.71 -17.48 -0.27
CA TYR A 169 -19.28 -17.70 -0.36
C TYR A 169 -18.79 -17.16 -1.69
N ARG A 170 -19.69 -16.51 -2.41
CA ARG A 170 -19.39 -16.00 -3.75
C ARG A 170 -18.65 -14.66 -3.69
N ALA A 171 -17.59 -14.56 -4.49
CA ALA A 171 -16.72 -13.38 -4.48
C ALA A 171 -17.32 -12.18 -5.23
N PRO A 172 -16.90 -10.95 -4.86
CA PRO A 172 -17.48 -9.74 -5.47
C PRO A 172 -17.22 -9.64 -6.95
N GLU A 173 -16.08 -10.11 -7.45
CA GLU A 173 -15.86 -10.07 -8.89
C GLU A 173 -16.86 -10.91 -9.68
N ILE A 174 -17.38 -11.98 -9.07
CA ILE A 174 -18.42 -12.77 -9.72
C ILE A 174 -19.73 -12.03 -9.59
N LEU A 175 -20.01 -11.55 -8.37
CA LEU A 175 -21.16 -10.72 -8.11
C LEU A 175 -21.26 -9.48 -9.04
N LEU A 176 -20.13 -8.85 -9.33
CA LEU A 176 -20.10 -7.70 -10.23
C LEU A 176 -19.94 -8.11 -11.70
N GLY A 177 -20.12 -9.41 -11.96
CA GLY A 177 -20.08 -9.97 -13.29
C GLY A 177 -18.86 -9.67 -14.11
N CYS A 178 -17.66 -9.73 -13.52
CA CYS A 178 -16.42 -9.56 -14.30
C CYS A 178 -16.34 -10.56 -15.45
N LYS A 179 -15.67 -10.14 -16.51
CA LYS A 179 -15.46 -10.96 -17.69
C LYS A 179 -14.64 -12.22 -17.32
N TYR A 180 -13.74 -12.04 -16.36
CA TYR A 180 -12.71 -13.00 -16.02
C TYR A 180 -12.62 -13.15 -14.51
N TYR A 181 -12.60 -14.39 -14.06
CA TYR A 181 -12.28 -14.66 -12.67
C TYR A 181 -11.30 -15.84 -12.61
N SER A 182 -10.63 -15.98 -11.48
CA SER A 182 -9.57 -16.97 -11.38
C SER A 182 -9.51 -17.58 -9.98
N THR A 183 -8.31 -18.01 -9.57
CA THR A 183 -8.11 -18.74 -8.33
C THR A 183 -8.57 -17.99 -7.10
N ALA A 184 -8.57 -16.65 -7.22
CA ALA A 184 -8.94 -15.72 -6.15
C ALA A 184 -10.38 -15.95 -5.67
N VAL A 185 -11.26 -16.40 -6.56
CA VAL A 185 -12.60 -16.81 -6.11
C VAL A 185 -12.57 -17.94 -5.08
N ASP A 186 -11.63 -18.89 -5.14
CA ASP A 186 -11.63 -19.92 -4.12
C ASP A 186 -11.12 -19.38 -2.77
N ILE A 187 -10.17 -18.45 -2.85
CA ILE A 187 -9.58 -17.87 -1.66
C ILE A 187 -10.65 -17.04 -0.91
N TRP A 188 -11.46 -16.32 -1.68
CA TRP A 188 -12.55 -15.56 -1.10
C TRP A 188 -13.45 -16.48 -0.29
N SER A 189 -13.86 -17.61 -0.87
CA SER A 189 -14.70 -18.58 -0.17
C SER A 189 -14.04 -19.10 1.11
N LEU A 190 -12.75 -19.41 1.06
CA LEU A 190 -12.04 -19.83 2.28
C LEU A 190 -11.97 -18.74 3.36
N GLY A 191 -11.85 -17.48 2.95
CA GLY A 191 -11.89 -16.35 3.85
C GLY A 191 -13.18 -16.40 4.65
N CYS A 192 -14.30 -16.43 3.92
CA CYS A 192 -15.64 -16.58 4.49
C CYS A 192 -15.77 -17.74 5.42
N ILE A 193 -15.27 -18.89 4.98
CA ILE A 193 -15.21 -20.07 5.83
C ILE A 193 -14.31 -19.85 7.06
N PHE A 194 -13.15 -19.18 6.90
CA PHE A 194 -12.27 -18.85 8.03
C PHE A 194 -13.09 -18.05 9.06
N ALA A 195 -13.74 -16.98 8.61
CA ALA A 195 -14.58 -16.17 9.51
C ALA A 195 -15.64 -17.02 10.18
N GLU A 196 -16.30 -17.87 9.42
CA GLU A 196 -17.42 -18.67 9.92
C GLU A 196 -16.97 -19.71 10.93
N MET A 197 -15.77 -20.26 10.75
CA MET A 197 -15.20 -21.15 11.75
C MET A 197 -15.02 -20.45 13.10
N VAL A 198 -14.74 -19.16 13.08
CA VAL A 198 -14.48 -18.41 14.31
C VAL A 198 -15.74 -18.15 15.14
N THR A 199 -16.81 -17.73 14.47
CA THR A 199 -18.05 -17.31 15.11
C THR A 199 -19.18 -18.32 15.00
N ARG A 200 -19.03 -19.28 14.09
CA ARG A 200 -20.07 -20.27 13.82
C ARG A 200 -21.33 -19.60 13.27
N ARG A 201 -21.13 -18.50 12.55
CA ARG A 201 -22.20 -17.95 11.71
C ARG A 201 -21.62 -17.37 10.42
N ALA A 202 -22.34 -17.57 9.32
CA ALA A 202 -21.92 -17.04 8.04
C ALA A 202 -21.55 -15.57 8.15
N LEU A 203 -20.50 -15.19 7.43
CA LEU A 203 -20.03 -13.82 7.40
C LEU A 203 -20.95 -12.94 6.54
N PHE A 204 -21.30 -13.41 5.36
CA PHE A 204 -22.15 -12.66 4.44
C PHE A 204 -23.34 -13.52 4.01
N PRO A 205 -24.35 -13.64 4.86
CA PRO A 205 -25.50 -14.50 4.55
C PRO A 205 -26.58 -13.83 3.67
N GLY A 206 -26.28 -13.46 2.44
CA GLY A 206 -27.25 -12.76 1.61
C GLY A 206 -28.40 -13.59 1.07
N ASP A 207 -29.38 -12.93 0.45
CA ASP A 207 -30.55 -13.61 -0.12
C ASP A 207 -30.62 -13.44 -1.63
N SER A 208 -29.90 -12.46 -2.14
CA SER A 208 -29.81 -12.25 -3.58
C SER A 208 -28.40 -11.79 -3.90
N GLU A 209 -28.11 -11.56 -5.17
CA GLU A 209 -26.81 -11.06 -5.54
C GLU A 209 -26.57 -9.66 -4.96
N ILE A 210 -27.55 -8.78 -5.09
CA ILE A 210 -27.41 -7.42 -4.59
C ILE A 210 -27.35 -7.35 -3.05
N ASP A 211 -28.17 -8.16 -2.41
CA ASP A 211 -28.15 -8.32 -0.98
C ASP A 211 -26.77 -8.78 -0.50
N GLN A 212 -26.24 -9.84 -1.12
CA GLN A 212 -24.88 -10.34 -0.85
C GLN A 212 -23.83 -9.24 -1.00
N LEU A 213 -23.94 -8.51 -2.10
CA LEU A 213 -23.03 -7.41 -2.38
C LEU A 213 -23.08 -6.33 -1.30
N PHE A 214 -24.29 -5.89 -0.96
CA PHE A 214 -24.45 -4.84 0.04
C PHE A 214 -23.93 -5.32 1.40
N ARG A 215 -24.10 -6.59 1.75
CA ARG A 215 -23.57 -7.09 3.02
C ARG A 215 -22.05 -7.06 3.04
N ILE A 216 -21.44 -7.37 1.90
CA ILE A 216 -20.01 -7.31 1.74
C ILE A 216 -19.53 -5.86 1.90
N PHE A 217 -20.02 -4.96 1.05
CA PHE A 217 -19.78 -3.50 1.14
C PHE A 217 -19.89 -2.92 2.57
N ARG A 218 -20.94 -3.30 3.31
CA ARG A 218 -21.15 -2.72 4.64
C ARG A 218 -20.14 -3.22 5.65
N THR A 219 -19.45 -4.32 5.34
CA THR A 219 -18.43 -4.89 6.22
C THR A 219 -17.02 -4.44 5.82
N LEU A 220 -16.77 -4.35 4.52
CA LEU A 220 -15.42 -4.09 4.00
C LEU A 220 -15.31 -2.71 3.39
N GLY A 221 -16.44 -2.01 3.33
CA GLY A 221 -16.53 -0.70 2.72
C GLY A 221 -16.86 -0.89 1.26
N THR A 222 -17.49 0.12 0.67
CA THR A 222 -17.80 0.08 -0.75
C THR A 222 -16.49 0.33 -1.47
N PRO A 223 -16.13 -0.52 -2.44
CA PRO A 223 -14.91 -0.33 -3.22
C PRO A 223 -14.98 0.84 -4.21
N ASP A 224 -13.89 1.59 -4.29
CA ASP A 224 -13.70 2.62 -5.32
C ASP A 224 -12.43 2.30 -6.14
N GLU A 225 -12.07 3.20 -7.06
CA GLU A 225 -10.92 2.97 -7.95
C GLU A 225 -9.59 2.87 -7.21
N VAL A 226 -9.50 3.52 -6.04
CA VAL A 226 -8.33 3.40 -5.19
C VAL A 226 -8.13 1.97 -4.68
N VAL A 227 -9.12 1.43 -3.96
CA VAL A 227 -9.00 0.08 -3.43
C VAL A 227 -9.00 -1.02 -4.52
N TRP A 228 -9.67 -0.75 -5.65
CA TRP A 228 -9.85 -1.77 -6.68
C TRP A 228 -9.95 -1.13 -8.06
N PRO A 229 -8.81 -0.88 -8.70
CA PRO A 229 -8.82 -0.27 -10.04
C PRO A 229 -9.69 -1.11 -10.99
N GLY A 230 -10.53 -0.44 -11.78
CA GLY A 230 -11.48 -1.13 -12.64
C GLY A 230 -12.85 -1.44 -12.05
N VAL A 231 -12.99 -1.42 -10.72
CA VAL A 231 -14.30 -1.73 -10.11
C VAL A 231 -15.49 -0.99 -10.79
N THR A 232 -15.36 0.32 -11.01
CA THR A 232 -16.46 1.09 -11.61
C THR A 232 -16.67 0.78 -13.09
N SER A 233 -15.83 -0.09 -13.64
CA SER A 233 -15.96 -0.51 -15.03
C SER A 233 -16.63 -1.87 -15.13
N MET A 234 -16.72 -2.58 -14.00
CA MET A 234 -17.34 -3.90 -13.96
C MET A 234 -18.75 -3.83 -14.56
N PRO A 235 -19.15 -4.86 -15.30
CA PRO A 235 -20.47 -4.91 -15.95
C PRO A 235 -21.67 -4.68 -15.03
N ASP A 236 -21.65 -5.14 -13.79
CA ASP A 236 -22.78 -4.92 -12.90
C ASP A 236 -22.50 -3.90 -11.79
N TYR A 237 -21.47 -3.09 -11.98
CA TYR A 237 -21.26 -1.96 -11.10
C TYR A 237 -22.26 -0.86 -11.42
N LYS A 238 -22.84 -0.26 -10.39
CA LYS A 238 -23.73 0.89 -10.54
C LYS A 238 -23.24 2.06 -9.69
N PRO A 239 -23.16 3.25 -10.29
CA PRO A 239 -22.75 4.47 -9.56
C PRO A 239 -23.65 4.78 -8.38
N SER A 240 -24.85 4.22 -8.35
CA SER A 240 -25.80 4.48 -7.28
C SER A 240 -25.61 3.56 -6.05
N PHE A 241 -24.75 2.54 -6.17
CA PHE A 241 -24.35 1.75 -5.00
C PHE A 241 -24.09 2.67 -3.80
N PRO A 242 -24.73 2.41 -2.67
CA PRO A 242 -24.41 3.14 -1.44
C PRO A 242 -22.91 3.09 -1.10
N LYS A 243 -22.37 4.17 -0.53
CA LYS A 243 -20.98 4.19 -0.12
C LYS A 243 -20.86 3.96 1.37
N TRP A 244 -20.59 2.72 1.78
CA TRP A 244 -20.34 2.45 3.18
C TRP A 244 -18.85 2.54 3.51
N ALA A 245 -18.56 2.99 4.73
CA ALA A 245 -17.20 3.10 5.20
C ALA A 245 -16.71 1.71 5.61
N ARG A 246 -15.43 1.45 5.40
CA ARG A 246 -14.83 0.19 5.82
C ARG A 246 -14.82 0.12 7.34
N GLN A 247 -15.22 -1.01 7.88
CA GLN A 247 -15.26 -1.17 9.32
C GLN A 247 -13.90 -1.52 9.89
N ASP A 248 -13.70 -1.15 11.16
CA ASP A 248 -12.62 -1.68 11.97
C ASP A 248 -12.65 -3.19 11.80
N PHE A 249 -11.52 -3.76 11.38
CA PHE A 249 -11.47 -5.20 11.10
C PHE A 249 -11.59 -6.08 12.35
N SER A 250 -11.19 -5.55 13.50
CA SER A 250 -11.37 -6.19 14.80
C SER A 250 -12.82 -6.26 15.26
N LYS A 251 -13.72 -5.64 14.51
CA LYS A 251 -15.15 -5.77 14.81
C LYS A 251 -15.83 -6.76 13.88
N VAL A 252 -15.17 -7.10 12.77
CA VAL A 252 -15.71 -8.07 11.82
C VAL A 252 -15.69 -9.49 12.40
N VAL A 253 -14.59 -9.86 13.03
CA VAL A 253 -14.47 -11.15 13.71
C VAL A 253 -13.79 -10.93 15.06
N PRO A 254 -14.57 -10.45 16.03
CA PRO A 254 -14.03 -9.99 17.32
C PRO A 254 -13.01 -10.91 18.03
N PRO A 255 -13.19 -12.23 18.11
CA PRO A 255 -12.21 -13.06 18.81
C PRO A 255 -10.86 -13.23 18.10
N LEU A 256 -10.72 -12.78 16.85
CA LEU A 256 -9.47 -12.98 16.14
C LEU A 256 -8.36 -12.08 16.67
N ASP A 257 -7.16 -12.66 16.78
CA ASP A 257 -5.95 -11.94 17.16
C ASP A 257 -5.36 -11.18 15.95
N GLU A 258 -4.27 -10.44 16.16
CA GLU A 258 -3.66 -9.64 15.09
C GLU A 258 -3.31 -10.44 13.81
N ASP A 259 -2.71 -11.62 13.98
CA ASP A 259 -2.23 -12.42 12.84
C ASP A 259 -3.41 -12.94 12.00
N GLY A 260 -4.40 -13.51 12.68
CA GLY A 260 -5.64 -13.97 12.07
C GLY A 260 -6.33 -12.88 11.29
N ARG A 261 -6.50 -11.72 11.94
CA ARG A 261 -7.07 -10.54 11.27
C ARG A 261 -6.26 -10.15 10.05
N SER A 262 -4.95 -10.14 10.18
CA SER A 262 -4.07 -9.83 9.05
C SER A 262 -4.32 -10.81 7.90
N LEU A 263 -4.34 -12.11 8.21
CA LEU A 263 -4.56 -13.13 7.20
C LEU A 263 -5.96 -13.05 6.57
N LEU A 264 -6.98 -12.97 7.42
CA LEU A 264 -8.35 -12.80 6.95
C LEU A 264 -8.49 -11.61 6.02
N SER A 265 -7.89 -10.48 6.40
CA SER A 265 -7.93 -9.30 5.51
C SER A 265 -7.24 -9.51 4.16
N GLN A 266 -6.28 -10.42 4.09
CA GLN A 266 -5.62 -10.66 2.81
C GLN A 266 -6.46 -11.58 1.90
N MET A 267 -7.23 -12.48 2.50
CA MET A 267 -8.19 -13.37 1.83
C MET A 267 -9.48 -12.67 1.33
N LEU A 268 -9.78 -11.52 1.92
CA LEU A 268 -10.98 -10.74 1.62
C LEU A 268 -10.68 -9.42 0.94
N HIS A 269 -9.48 -9.32 0.37
CA HIS A 269 -9.14 -8.20 -0.48
C HIS A 269 -10.10 -8.09 -1.65
N TYR A 270 -10.61 -6.89 -1.90
CA TYR A 270 -11.50 -6.66 -3.04
C TYR A 270 -10.89 -7.07 -4.36
N ASP A 271 -9.67 -6.58 -4.62
CA ASP A 271 -9.02 -6.73 -5.93
C ASP A 271 -8.46 -8.15 -6.07
N PRO A 272 -9.00 -8.95 -6.99
CA PRO A 272 -8.54 -10.34 -7.14
C PRO A 272 -7.03 -10.44 -7.24
N ASN A 273 -6.39 -9.51 -7.93
CA ASN A 273 -4.95 -9.55 -8.07
C ASN A 273 -4.14 -9.41 -6.77
N LYS A 274 -4.62 -8.64 -5.79
CA LYS A 274 -3.93 -8.53 -4.48
C LYS A 274 -4.38 -9.52 -3.42
N ARG A 275 -5.58 -10.08 -3.59
CA ARG A 275 -6.05 -11.12 -2.68
C ARG A 275 -4.96 -12.17 -2.58
N ILE A 276 -4.67 -12.65 -1.38
CA ILE A 276 -3.55 -13.56 -1.22
C ILE A 276 -3.82 -14.91 -1.94
N SER A 277 -2.78 -15.56 -2.45
CA SER A 277 -2.91 -16.89 -3.02
C SER A 277 -2.81 -17.91 -1.91
N ALA A 278 -3.40 -19.08 -2.09
CA ALA A 278 -3.33 -20.14 -1.07
C ALA A 278 -1.88 -20.48 -0.72
N LYS A 279 -1.04 -20.47 -1.73
CA LYS A 279 0.38 -20.75 -1.61
C LYS A 279 1.03 -19.75 -0.66
N ALA A 280 0.88 -18.46 -0.99
CA ALA A 280 1.42 -17.39 -0.18
C ALA A 280 0.89 -17.42 1.26
N ALA A 281 -0.36 -17.81 1.45
CA ALA A 281 -0.93 -17.82 2.80
C ALA A 281 -0.36 -18.89 3.70
N LEU A 282 0.18 -19.96 3.12
CA LEU A 282 0.77 -21.00 3.94
C LEU A 282 1.92 -20.48 4.82
N ALA A 283 2.63 -19.48 4.34
CA ALA A 283 3.74 -18.90 5.07
C ALA A 283 3.30 -17.78 6.03
N HIS A 284 2.00 -17.58 6.22
CA HIS A 284 1.55 -16.48 7.08
C HIS A 284 1.93 -16.76 8.54
N PRO A 285 2.37 -15.72 9.27
CA PRO A 285 2.63 -15.84 10.71
C PRO A 285 1.47 -16.39 11.52
N PHE A 286 0.24 -16.29 10.99
CA PHE A 286 -0.90 -16.90 11.67
C PHE A 286 -0.64 -18.35 11.97
N PHE A 287 0.11 -19.02 11.10
CA PHE A 287 0.34 -20.46 11.22
C PHE A 287 1.67 -20.84 11.91
N GLN A 288 2.37 -19.86 12.48
CA GLN A 288 3.70 -20.11 13.03
C GLN A 288 3.78 -21.27 14.01
N ASP A 289 2.67 -21.60 14.66
CA ASP A 289 2.64 -22.60 15.72
C ASP A 289 1.65 -23.74 15.43
N VAL A 290 1.30 -23.90 14.16
CA VAL A 290 0.26 -24.84 13.78
C VAL A 290 0.67 -26.27 14.10
N THR A 291 -0.24 -26.97 14.78
CA THR A 291 -0.14 -28.38 15.04
C THR A 291 -1.33 -28.97 14.32
N LYS A 292 -1.46 -30.30 14.29
CA LYS A 292 -2.68 -30.92 13.80
C LYS A 292 -3.48 -31.51 14.98
N PRO A 293 -4.16 -30.65 15.76
CA PRO A 293 -4.95 -31.16 16.88
C PRO A 293 -6.05 -32.04 16.33
N VAL A 294 -6.24 -33.16 17.00
CA VAL A 294 -7.18 -34.18 16.57
C VAL A 294 -8.38 -34.03 17.51
N PRO A 295 -9.42 -33.31 17.07
CA PRO A 295 -10.58 -32.91 17.90
C PRO A 295 -11.19 -33.99 18.82
N HIS A 296 -12.48 -33.94 19.13
CA HIS A 296 -13.09 -34.98 20.00
C HIS A 296 -14.33 -35.78 19.48
N LEU A 297 -14.49 -35.96 18.17
CA LEU A 297 -15.49 -36.92 17.66
C LEU A 297 -14.87 -38.12 16.95
N VAL B 1 -2.91 -19.23 -11.30
CA VAL B 1 -2.60 -18.05 -12.16
C VAL B 1 -1.22 -17.43 -11.80
N PRO B 2 -0.93 -16.15 -12.06
CA PRO B 2 0.46 -15.65 -12.03
C PRO B 2 1.28 -15.96 -10.77
N ASP B 3 0.62 -16.52 -9.76
CA ASP B 3 1.29 -17.12 -8.60
C ASP B 3 1.60 -18.60 -8.92
N TYR B 4 0.89 -19.13 -9.94
CA TYR B 4 0.94 -20.54 -10.33
C TYR B 4 1.36 -20.79 -11.79
N HIS B 5 1.59 -19.73 -12.56
CA HIS B 5 2.01 -19.78 -13.97
C HIS B 5 3.04 -20.88 -14.22
N GLU B 6 4.12 -20.82 -13.44
CA GLU B 6 5.20 -21.77 -13.56
C GLU B 6 4.87 -23.18 -13.05
N ASP B 7 4.17 -23.27 -11.92
CA ASP B 7 3.67 -24.55 -11.42
C ASP B 7 2.83 -25.23 -12.50
N ILE B 8 1.87 -24.49 -13.05
CA ILE B 8 1.01 -24.98 -14.11
C ILE B 8 1.80 -25.38 -15.37
N HIS B 9 2.72 -24.54 -15.84
CA HIS B 9 3.54 -24.87 -16.99
C HIS B 9 4.29 -26.20 -16.78
N THR B 10 4.98 -26.34 -15.64
CA THR B 10 5.67 -27.59 -15.26
C THR B 10 4.76 -28.80 -15.30
N TYR B 11 3.60 -28.66 -14.70
CA TYR B 11 2.63 -29.73 -14.64
C TYR B 11 2.06 -30.11 -16.03
N LEU B 12 1.75 -29.13 -16.86
CA LEU B 12 1.33 -29.42 -18.23
C LEU B 12 2.43 -30.13 -19.04
N ARG B 13 3.70 -29.81 -18.75
CA ARG B 13 4.81 -30.47 -19.44
C ARG B 13 4.93 -31.94 -19.07
N GLU B 14 4.65 -32.29 -17.83
CA GLU B 14 4.61 -33.69 -17.44
C GLU B 14 3.37 -34.39 -18.01
N MET B 15 2.24 -33.68 -18.07
CA MET B 15 1.01 -34.30 -18.54
C MET B 15 0.98 -34.53 -20.06
N GLU B 16 1.67 -33.67 -20.83
CA GLU B 16 1.67 -33.82 -22.28
C GLU B 16 2.42 -35.08 -22.72
N VAL B 17 3.43 -35.48 -21.95
CA VAL B 17 4.09 -36.76 -22.13
C VAL B 17 3.14 -37.94 -21.84
N LYS B 18 2.29 -37.83 -20.83
CA LYS B 18 1.39 -38.92 -20.47
C LYS B 18 0.27 -39.11 -21.47
N CYS B 19 -0.19 -38.01 -22.09
CA CYS B 19 -1.38 -38.00 -22.94
C CYS B 19 -1.01 -38.08 -24.41
N LYS B 20 0.26 -38.29 -24.70
CA LYS B 20 0.72 -38.38 -26.07
C LYS B 20 0.14 -39.62 -26.75
N PRO B 21 -0.45 -39.42 -27.94
CA PRO B 21 -0.85 -40.52 -28.80
C PRO B 21 0.40 -41.33 -29.20
N LYS B 22 0.25 -42.56 -29.67
CA LYS B 22 1.42 -43.20 -30.27
C LYS B 22 1.65 -42.71 -31.70
N VAL B 23 2.92 -42.41 -31.98
CA VAL B 23 3.33 -41.82 -33.25
C VAL B 23 3.00 -42.70 -34.44
N GLY B 24 3.21 -44.01 -34.30
CA GLY B 24 3.08 -44.91 -35.42
C GLY B 24 1.73 -45.55 -35.65
N TYR B 25 0.68 -45.01 -35.02
CA TYR B 25 -0.60 -45.70 -34.92
C TYR B 25 -1.39 -45.90 -36.22
N MET B 26 -1.15 -45.05 -37.21
CA MET B 26 -1.87 -45.14 -38.48
C MET B 26 -1.40 -46.34 -39.30
N LYS B 27 -0.10 -46.61 -39.25
CA LYS B 27 0.50 -47.85 -39.73
C LYS B 27 -0.29 -49.08 -39.27
N LYS B 28 -0.76 -49.03 -38.03
CA LYS B 28 -1.42 -50.18 -37.40
C LYS B 28 -2.93 -50.23 -37.64
N GLN B 29 -3.49 -49.19 -38.25
CA GLN B 29 -4.91 -49.15 -38.56
C GLN B 29 -5.11 -49.68 -39.98
N PRO B 30 -5.74 -50.85 -40.09
CA PRO B 30 -5.86 -51.54 -41.38
C PRO B 30 -6.71 -50.77 -42.37
N ASP B 31 -7.77 -50.14 -41.87
CA ASP B 31 -8.82 -49.60 -42.69
C ASP B 31 -8.87 -48.07 -42.81
N ILE B 32 -8.04 -47.37 -42.03
CA ILE B 32 -7.99 -45.91 -42.12
C ILE B 32 -6.58 -45.36 -42.35
N THR B 33 -6.52 -44.14 -42.90
CA THR B 33 -5.28 -43.46 -43.27
C THR B 33 -5.16 -42.07 -42.68
N ASN B 34 -3.96 -41.50 -42.75
CA ASN B 34 -3.74 -40.10 -42.41
C ASN B 34 -4.70 -39.20 -43.17
N SER B 35 -4.97 -39.60 -44.41
CA SER B 35 -5.78 -38.81 -45.32
C SER B 35 -7.24 -38.78 -44.86
N MET B 36 -7.77 -39.93 -44.43
CA MET B 36 -9.10 -40.00 -43.82
C MET B 36 -9.18 -39.27 -42.47
N ARG B 37 -8.11 -39.31 -41.69
CA ARG B 37 -8.03 -38.57 -40.44
C ARG B 37 -8.12 -37.06 -40.71
N ALA B 38 -7.39 -36.61 -41.74
CA ALA B 38 -7.39 -35.21 -42.19
C ALA B 38 -8.81 -34.73 -42.50
N ILE B 39 -9.57 -35.58 -43.20
CA ILE B 39 -10.96 -35.31 -43.55
C ILE B 39 -11.86 -35.12 -42.30
N LEU B 40 -11.73 -36.03 -41.33
CA LEU B 40 -12.43 -35.94 -40.07
C LEU B 40 -12.16 -34.61 -39.31
N VAL B 41 -10.89 -34.35 -39.03
CA VAL B 41 -10.50 -33.11 -38.35
C VAL B 41 -11.01 -31.85 -39.06
N ASP B 42 -10.93 -31.83 -40.39
CA ASP B 42 -11.40 -30.68 -41.14
C ASP B 42 -12.91 -30.50 -40.98
N TRP B 43 -13.65 -31.61 -40.97
CA TRP B 43 -15.07 -31.61 -40.62
C TRP B 43 -15.30 -31.10 -39.20
N LEU B 44 -14.50 -31.59 -38.25
CA LEU B 44 -14.61 -31.14 -36.86
C LEU B 44 -14.37 -29.64 -36.74
N VAL B 45 -13.42 -29.11 -37.52
CA VAL B 45 -13.21 -27.65 -37.62
C VAL B 45 -14.50 -26.92 -38.05
N GLU B 46 -15.19 -27.42 -39.07
CA GLU B 46 -16.49 -26.86 -39.51
C GLU B 46 -17.56 -26.97 -38.41
N VAL B 47 -17.66 -28.14 -37.78
CA VAL B 47 -18.56 -28.29 -36.63
C VAL B 47 -18.28 -27.22 -35.58
N GLY B 48 -17.00 -27.10 -35.20
CA GLY B 48 -16.53 -26.02 -34.34
C GLY B 48 -17.02 -24.64 -34.74
N GLU B 49 -16.91 -24.29 -36.02
CA GLU B 49 -17.40 -22.98 -36.49
C GLU B 49 -18.92 -22.91 -36.55
N GLU B 50 -19.56 -24.01 -36.91
CA GLU B 50 -21.01 -24.06 -36.97
C GLU B 50 -21.62 -23.83 -35.57
N TYR B 51 -21.02 -24.42 -34.54
CA TYR B 51 -21.57 -24.28 -33.18
C TYR B 51 -20.88 -23.24 -32.31
N LYS B 52 -19.87 -22.57 -32.88
CA LYS B 52 -19.17 -21.48 -32.22
C LYS B 52 -18.47 -21.99 -30.97
N LEU B 53 -17.78 -23.12 -31.13
CA LEU B 53 -17.07 -23.76 -30.04
C LEU B 53 -15.71 -23.09 -29.82
N GLN B 54 -15.19 -23.19 -28.60
CA GLN B 54 -13.84 -22.75 -28.32
C GLN B 54 -12.84 -23.54 -29.15
N ASN B 55 -11.72 -22.90 -29.50
CA ASN B 55 -10.64 -23.61 -30.18
C ASN B 55 -10.05 -24.71 -29.29
N GLU B 56 -10.14 -24.51 -27.98
CA GLU B 56 -9.71 -25.50 -27.01
C GLU B 56 -10.46 -26.85 -27.17
N THR B 57 -11.78 -26.76 -27.33
CA THR B 57 -12.63 -27.92 -27.53
C THR B 57 -12.17 -28.76 -28.70
N LEU B 58 -11.89 -28.08 -29.81
CA LEU B 58 -11.36 -28.68 -31.03
C LEU B 58 -10.06 -29.42 -30.74
N HIS B 59 -9.10 -28.74 -30.08
CA HIS B 59 -7.81 -29.36 -29.77
C HIS B 59 -7.96 -30.57 -28.85
N LEU B 60 -8.84 -30.49 -27.86
CA LEU B 60 -9.10 -31.65 -27.00
C LEU B 60 -9.67 -32.83 -27.77
N ALA B 61 -10.68 -32.55 -28.60
CA ALA B 61 -11.39 -33.59 -29.35
C ALA B 61 -10.44 -34.39 -30.22
N VAL B 62 -9.54 -33.68 -30.91
CA VAL B 62 -8.51 -34.31 -31.72
C VAL B 62 -7.56 -35.15 -30.84
N ASN B 63 -7.18 -34.61 -29.67
CA ASN B 63 -6.35 -35.36 -28.72
C ASN B 63 -7.05 -36.68 -28.32
N TYR B 64 -8.36 -36.63 -28.09
CA TYR B 64 -9.11 -37.83 -27.70
C TYR B 64 -9.13 -38.86 -28.82
N ILE B 65 -9.27 -38.37 -30.05
CA ILE B 65 -9.36 -39.23 -31.23
C ILE B 65 -8.03 -39.93 -31.46
N ASP B 66 -6.95 -39.18 -31.41
CA ASP B 66 -5.63 -39.74 -31.60
C ASP B 66 -5.28 -40.78 -30.54
N ARG B 67 -5.72 -40.53 -29.31
CA ARG B 67 -5.47 -41.46 -28.23
C ARG B 67 -6.36 -42.68 -28.36
N PHE B 68 -7.60 -42.48 -28.81
CA PHE B 68 -8.55 -43.59 -28.96
C PHE B 68 -8.06 -44.51 -30.08
N LEU B 69 -7.62 -43.89 -31.17
CA LEU B 69 -7.15 -44.61 -32.34
C LEU B 69 -5.76 -45.22 -32.14
N SER B 70 -5.05 -44.78 -31.10
CA SER B 70 -3.81 -45.42 -30.69
C SER B 70 -4.02 -46.83 -30.09
N SER B 71 -5.21 -47.10 -29.58
CA SER B 71 -5.46 -48.42 -28.99
C SER B 71 -6.59 -49.17 -29.65
N MET B 72 -7.52 -48.46 -30.28
CA MET B 72 -8.69 -49.11 -30.87
C MET B 72 -8.65 -49.01 -32.38
N SER B 73 -8.74 -50.17 -32.99
CA SER B 73 -8.73 -50.32 -34.41
C SER B 73 -10.17 -50.00 -34.88
N VAL B 74 -10.32 -49.16 -35.91
CA VAL B 74 -11.64 -48.65 -36.30
C VAL B 74 -11.91 -48.76 -37.82
N LEU B 75 -13.15 -49.10 -38.18
CA LEU B 75 -13.55 -49.15 -39.59
C LEU B 75 -13.86 -47.76 -40.12
N ARG B 76 -13.65 -47.57 -41.42
CA ARG B 76 -13.81 -46.26 -42.03
C ARG B 76 -15.22 -45.70 -41.86
N GLY B 77 -16.22 -46.58 -41.84
CA GLY B 77 -17.61 -46.17 -41.69
C GLY B 77 -17.96 -45.72 -40.28
N LYS B 78 -17.03 -45.93 -39.35
CA LYS B 78 -17.22 -45.59 -37.93
C LYS B 78 -16.29 -44.46 -37.46
N LEU B 79 -15.37 -44.03 -38.32
CA LEU B 79 -14.42 -42.97 -37.93
C LEU B 79 -15.14 -41.69 -37.45
N GLN B 80 -16.20 -41.32 -38.15
CA GLN B 80 -16.91 -40.09 -37.85
C GLN B 80 -17.75 -40.20 -36.58
N LEU B 81 -18.18 -41.41 -36.25
CA LEU B 81 -18.81 -41.69 -34.96
C LEU B 81 -17.85 -41.46 -33.78
N VAL B 82 -16.60 -41.87 -33.95
CA VAL B 82 -15.60 -41.70 -32.91
C VAL B 82 -15.41 -40.22 -32.74
N GLY B 83 -15.30 -39.53 -33.87
CA GLY B 83 -15.06 -38.10 -33.92
C GLY B 83 -16.18 -37.30 -33.30
N THR B 84 -17.41 -37.77 -33.44
CA THR B 84 -18.57 -37.06 -32.90
C THR B 84 -18.61 -37.20 -31.39
N ALA B 85 -18.39 -38.42 -30.91
CA ALA B 85 -18.31 -38.71 -29.47
C ALA B 85 -17.17 -37.92 -28.82
N ALA B 86 -16.01 -37.86 -29.49
CA ALA B 86 -14.87 -37.07 -28.99
C ALA B 86 -15.23 -35.59 -28.82
N MET B 87 -15.91 -35.05 -29.82
CA MET B 87 -16.22 -33.63 -29.86
C MET B 87 -17.32 -33.31 -28.86
N LEU B 88 -18.25 -34.24 -28.69
CA LEU B 88 -19.25 -34.12 -27.65
C LEU B 88 -18.60 -34.17 -26.25
N LEU B 89 -17.66 -35.09 -26.04
CA LEU B 89 -16.94 -35.18 -24.77
C LEU B 89 -16.13 -33.92 -24.53
N ALA B 90 -15.42 -33.48 -25.57
CA ALA B 90 -14.66 -32.24 -25.48
C ALA B 90 -15.54 -31.04 -25.09
N SER B 91 -16.73 -30.95 -25.69
CA SER B 91 -17.65 -29.84 -25.41
C SER B 91 -18.19 -29.87 -23.99
N LYS B 92 -18.57 -31.05 -23.51
CA LYS B 92 -18.99 -31.19 -22.12
C LYS B 92 -17.85 -30.81 -21.19
N PHE B 93 -16.61 -31.17 -21.55
CA PHE B 93 -15.49 -30.83 -20.67
C PHE B 93 -15.22 -29.30 -20.62
N GLU B 94 -15.17 -28.67 -21.79
CA GLU B 94 -14.64 -27.32 -21.97
C GLU B 94 -15.63 -26.15 -22.21
N GLU B 95 -16.80 -26.45 -22.78
CA GLU B 95 -17.79 -25.41 -23.10
C GLU B 95 -18.69 -25.00 -21.95
N ILE B 96 -19.01 -23.71 -21.88
CA ILE B 96 -20.02 -23.22 -20.93
C ILE B 96 -21.38 -23.78 -21.33
N TYR B 97 -21.74 -23.61 -22.60
CA TYR B 97 -22.97 -24.16 -23.15
C TYR B 97 -22.66 -25.16 -24.25
N PRO B 98 -22.45 -26.42 -23.89
CA PRO B 98 -22.23 -27.47 -24.88
C PRO B 98 -23.46 -27.64 -25.76
N PRO B 99 -23.30 -27.99 -27.03
CA PRO B 99 -24.46 -28.32 -27.86
C PRO B 99 -25.10 -29.57 -27.30
N GLU B 100 -26.42 -29.68 -27.37
CA GLU B 100 -27.08 -30.89 -26.90
C GLU B 100 -26.78 -32.05 -27.83
N VAL B 101 -27.02 -33.27 -27.35
CA VAL B 101 -26.65 -34.47 -28.08
C VAL B 101 -27.35 -34.54 -29.45
N ALA B 102 -28.60 -34.11 -29.50
CA ALA B 102 -29.36 -34.10 -30.75
C ALA B 102 -28.65 -33.26 -31.81
N GLU B 103 -28.01 -32.17 -31.39
CA GLU B 103 -27.25 -31.35 -32.32
C GLU B 103 -26.04 -32.09 -32.91
N PHE B 104 -25.39 -32.92 -32.09
CA PHE B 104 -24.32 -33.79 -32.56
C PHE B 104 -24.83 -34.89 -33.49
N VAL B 105 -25.98 -35.47 -33.17
CA VAL B 105 -26.64 -36.43 -34.04
C VAL B 105 -27.00 -35.79 -35.40
N TYR B 106 -27.60 -34.61 -35.34
CA TYR B 106 -27.98 -33.86 -36.53
C TYR B 106 -26.81 -33.55 -37.48
N ILE B 107 -25.67 -33.13 -36.94
CA ILE B 107 -24.51 -32.75 -37.75
C ILE B 107 -23.88 -33.91 -38.52
N THR B 108 -24.16 -35.13 -38.09
CA THR B 108 -23.73 -36.33 -38.82
C THR B 108 -24.77 -36.78 -39.86
N ASP B 109 -25.53 -35.81 -40.40
CA ASP B 109 -26.64 -36.02 -41.37
C ASP B 109 -27.25 -37.44 -41.39
N ASP B 110 -27.88 -37.82 -40.26
CA ASP B 110 -28.56 -39.11 -40.12
C ASP B 110 -27.72 -40.38 -40.40
N THR B 111 -26.40 -40.22 -40.44
CA THR B 111 -25.49 -41.37 -40.57
C THR B 111 -25.69 -42.35 -39.41
N TYR B 112 -25.60 -41.81 -38.18
CA TYR B 112 -25.73 -42.60 -36.97
C TYR B 112 -26.95 -42.19 -36.14
N THR B 113 -27.27 -42.99 -35.12
CA THR B 113 -28.35 -42.65 -34.21
C THR B 113 -27.83 -42.07 -32.90
N LYS B 114 -28.75 -41.47 -32.14
CA LYS B 114 -28.48 -40.92 -30.81
C LYS B 114 -27.93 -41.97 -29.86
N LYS B 115 -28.49 -43.17 -29.93
CA LYS B 115 -28.05 -44.28 -29.09
C LYS B 115 -26.61 -44.70 -29.40
N GLN B 116 -26.22 -44.59 -30.67
CA GLN B 116 -24.85 -44.90 -31.09
C GLN B 116 -23.82 -43.89 -30.55
N VAL B 117 -24.09 -42.61 -30.76
CA VAL B 117 -23.27 -41.51 -30.24
C VAL B 117 -23.03 -41.68 -28.73
N LEU B 118 -24.10 -41.91 -28.00
CA LEU B 118 -24.02 -42.09 -26.55
C LEU B 118 -23.24 -43.36 -26.11
N ARG B 119 -23.36 -44.45 -26.85
CA ARG B 119 -22.56 -45.64 -26.57
C ARG B 119 -21.07 -45.38 -26.93
N MET B 120 -20.82 -44.74 -28.05
CA MET B 120 -19.46 -44.32 -28.37
C MET B 120 -18.89 -43.38 -27.30
N GLU B 121 -19.65 -42.37 -26.89
CA GLU B 121 -19.24 -41.52 -25.74
C GLU B 121 -18.72 -42.37 -24.56
N HIS B 122 -19.48 -43.40 -24.17
CA HIS B 122 -19.11 -44.31 -23.10
C HIS B 122 -17.81 -45.08 -23.37
N LEU B 123 -17.71 -45.69 -24.57
CA LEU B 123 -16.52 -46.45 -24.96
C LEU B 123 -15.28 -45.57 -24.97
N VAL B 124 -15.40 -44.35 -25.52
CA VAL B 124 -14.31 -43.37 -25.48
C VAL B 124 -13.83 -43.09 -24.05
N LEU B 125 -14.77 -42.82 -23.13
CA LEU B 125 -14.40 -42.61 -21.74
C LEU B 125 -13.67 -43.80 -21.13
N LYS B 126 -14.19 -45.00 -21.35
CA LYS B 126 -13.49 -46.22 -20.94
C LYS B 126 -12.09 -46.30 -21.56
N VAL B 127 -11.99 -46.10 -22.86
CA VAL B 127 -10.69 -46.24 -23.50
C VAL B 127 -9.68 -45.22 -22.92
N LEU B 128 -10.12 -43.97 -22.74
CA LEU B 128 -9.21 -42.92 -22.22
C LEU B 128 -9.05 -42.97 -20.69
N THR B 129 -9.74 -43.93 -20.07
CA THR B 129 -9.88 -44.05 -18.61
C THR B 129 -10.19 -42.71 -17.93
N PHE B 130 -11.02 -41.91 -18.60
CA PHE B 130 -11.51 -40.63 -18.08
C PHE B 130 -10.45 -39.53 -18.01
N ASP B 131 -9.32 -39.70 -18.70
CA ASP B 131 -8.24 -38.73 -18.63
C ASP B 131 -8.45 -37.64 -19.68
N LEU B 132 -9.39 -36.74 -19.40
CA LEU B 132 -9.82 -35.74 -20.38
C LEU B 132 -9.08 -34.39 -20.31
N ALA B 133 -8.39 -34.13 -19.22
CA ALA B 133 -7.73 -32.85 -18.99
C ALA B 133 -6.36 -32.82 -19.65
N ALA B 134 -6.36 -33.04 -20.96
CA ALA B 134 -5.16 -33.13 -21.77
C ALA B 134 -4.64 -31.75 -22.14
N PRO B 135 -3.32 -31.56 -22.08
CA PRO B 135 -2.70 -30.30 -22.54
C PRO B 135 -2.74 -30.27 -24.06
N THR B 136 -2.91 -29.07 -24.62
CA THR B 136 -3.04 -28.90 -26.05
C THR B 136 -2.08 -27.80 -26.47
N VAL B 137 -1.87 -27.68 -27.77
CA VAL B 137 -1.08 -26.61 -28.34
C VAL B 137 -1.66 -25.30 -27.83
N ASN B 138 -3.00 -25.21 -27.85
CA ASN B 138 -3.71 -24.04 -27.38
C ASN B 138 -3.30 -23.59 -25.98
N GLN B 139 -3.22 -24.53 -25.04
CA GLN B 139 -2.89 -24.19 -23.66
C GLN B 139 -1.46 -23.68 -23.53
N PHE B 140 -0.51 -24.25 -24.28
CA PHE B 140 0.85 -23.71 -24.27
C PHE B 140 0.97 -22.32 -24.94
N LEU B 141 0.27 -22.14 -26.05
CA LEU B 141 0.35 -20.91 -26.85
C LEU B 141 -0.07 -19.73 -26.00
N THR B 142 -1.15 -19.95 -25.30
CA THR B 142 -1.79 -18.95 -24.50
C THR B 142 -0.81 -18.50 -23.40
N GLN B 143 -0.03 -19.43 -22.84
CA GLN B 143 1.02 -19.05 -21.90
C GLN B 143 2.20 -18.31 -22.55
N TYR B 144 2.62 -18.75 -23.73
CA TYR B 144 3.73 -18.12 -24.45
C TYR B 144 3.40 -16.69 -24.83
N PHE B 145 2.15 -16.46 -25.22
CA PHE B 145 1.62 -15.12 -25.51
C PHE B 145 1.92 -14.08 -24.42
N LEU B 146 1.99 -14.52 -23.17
CA LEU B 146 2.30 -13.59 -22.08
C LEU B 146 3.69 -12.96 -22.18
N HIS B 147 4.53 -13.52 -23.06
CA HIS B 147 5.90 -13.04 -23.20
C HIS B 147 6.10 -12.08 -24.38
N GLN B 148 5.01 -11.66 -25.04
CA GLN B 148 5.13 -10.65 -26.09
C GLN B 148 5.42 -9.28 -25.49
N GLN B 149 6.45 -8.60 -26.01
CA GLN B 149 6.89 -7.31 -25.45
C GLN B 149 5.77 -6.27 -25.58
N PRO B 150 5.46 -5.85 -26.80
CA PRO B 150 4.10 -5.37 -27.08
C PRO B 150 3.24 -6.57 -27.49
N ALA B 151 2.10 -6.74 -26.82
CA ALA B 151 1.14 -7.77 -27.21
C ALA B 151 0.58 -7.43 -28.59
N ASN B 152 0.58 -8.42 -29.48
CA ASN B 152 0.14 -8.22 -30.86
C ASN B 152 -0.92 -9.25 -31.22
N CYS B 153 -2.13 -8.77 -31.48
CA CYS B 153 -3.27 -9.63 -31.74
C CYS B 153 -3.15 -10.46 -33.02
N LYS B 154 -2.39 -9.94 -34.00
CA LYS B 154 -2.08 -10.66 -35.24
C LYS B 154 -1.11 -11.81 -35.03
N VAL B 155 -0.12 -11.62 -34.17
CA VAL B 155 0.80 -12.67 -33.79
C VAL B 155 0.03 -13.82 -33.13
N GLU B 156 -0.80 -13.47 -32.15
CA GLU B 156 -1.61 -14.44 -31.42
C GLU B 156 -2.51 -15.24 -32.36
N SER B 157 -3.32 -14.56 -33.17
CA SER B 157 -4.25 -15.23 -34.08
C SER B 157 -3.52 -16.10 -35.08
N LEU B 158 -2.41 -15.60 -35.62
CA LEU B 158 -1.63 -16.41 -36.55
C LEU B 158 -1.01 -17.63 -35.87
N ALA B 159 -0.56 -17.47 -34.62
CA ALA B 159 -0.03 -18.63 -33.90
C ALA B 159 -1.10 -19.73 -33.76
N MET B 160 -2.31 -19.36 -33.36
CA MET B 160 -3.43 -20.28 -33.24
C MET B 160 -3.76 -20.98 -34.55
N PHE B 161 -3.79 -20.20 -35.63
CA PHE B 161 -3.96 -20.71 -37.00
C PHE B 161 -2.98 -21.81 -37.34
N LEU B 162 -1.69 -21.53 -37.24
CA LEU B 162 -0.64 -22.52 -37.47
C LEU B 162 -0.77 -23.70 -36.50
N GLY B 163 -1.15 -23.41 -35.26
CA GLY B 163 -1.41 -24.45 -34.30
C GLY B 163 -2.50 -25.37 -34.81
N GLU B 164 -3.57 -24.78 -35.34
CA GLU B 164 -4.72 -25.55 -35.82
C GLU B 164 -4.37 -26.37 -37.04
N LEU B 165 -3.61 -25.77 -37.96
CA LEU B 165 -3.15 -26.45 -39.17
C LEU B 165 -2.46 -27.76 -38.88
N SER B 166 -1.73 -27.80 -37.77
CA SER B 166 -0.92 -28.96 -37.40
C SER B 166 -1.79 -30.08 -36.85
N LEU B 167 -3.07 -29.81 -36.60
CA LEU B 167 -3.99 -30.85 -36.16
C LEU B 167 -4.37 -31.79 -37.30
N ILE B 168 -4.33 -31.25 -38.52
CA ILE B 168 -4.77 -31.97 -39.71
C ILE B 168 -3.81 -33.08 -40.18
N ASP B 169 -2.51 -32.87 -40.03
CA ASP B 169 -1.53 -33.76 -40.65
C ASP B 169 -0.79 -34.61 -39.60
N ALA B 170 -1.27 -35.84 -39.40
CA ALA B 170 -0.69 -36.71 -38.38
C ALA B 170 0.74 -37.04 -38.75
N ASP B 171 1.02 -37.13 -40.04
CA ASP B 171 2.29 -37.65 -40.54
C ASP B 171 3.47 -37.09 -39.79
N PRO B 172 3.79 -35.81 -40.01
CA PRO B 172 4.80 -35.19 -39.17
C PRO B 172 4.25 -34.98 -37.75
N TYR B 173 3.14 -34.27 -37.58
CA TYR B 173 2.86 -33.58 -36.30
C TYR B 173 2.59 -34.43 -35.06
N LEU B 174 2.22 -35.69 -35.25
CA LEU B 174 2.06 -36.60 -34.12
C LEU B 174 3.39 -36.86 -33.42
N LYS B 175 4.50 -36.61 -34.10
CA LYS B 175 5.80 -36.86 -33.50
C LYS B 175 6.26 -35.73 -32.58
N TYR B 176 5.54 -34.61 -32.62
CA TYR B 176 5.86 -33.49 -31.73
C TYR B 176 4.83 -33.29 -30.61
N LEU B 177 5.35 -32.92 -29.43
CA LEU B 177 4.51 -32.61 -28.26
C LEU B 177 3.84 -31.25 -28.45
N PRO B 178 2.69 -31.04 -27.80
CA PRO B 178 1.99 -29.75 -27.85
C PRO B 178 2.86 -28.54 -27.54
N SER B 179 3.81 -28.68 -26.60
CA SER B 179 4.67 -27.58 -26.16
C SER B 179 5.67 -27.19 -27.23
N VAL B 180 6.11 -28.17 -28.02
CA VAL B 180 7.03 -27.96 -29.13
C VAL B 180 6.32 -27.40 -30.35
N ILE B 181 5.11 -27.88 -30.65
CA ILE B 181 4.36 -27.28 -31.77
C ILE B 181 4.00 -25.83 -31.51
N ALA B 182 3.63 -25.54 -30.26
CA ALA B 182 3.30 -24.19 -29.83
C ALA B 182 4.50 -23.30 -29.95
N GLY B 183 5.65 -23.80 -29.52
CA GLY B 183 6.89 -23.06 -29.65
C GLY B 183 7.13 -22.67 -31.09
N ALA B 184 7.04 -23.66 -31.98
CA ALA B 184 7.29 -23.43 -33.42
C ALA B 184 6.27 -22.46 -34.01
N ALA B 185 5.02 -22.62 -33.60
CA ALA B 185 3.94 -21.79 -34.11
C ALA B 185 4.07 -20.35 -33.60
N PHE B 186 4.50 -20.19 -32.36
CA PHE B 186 4.69 -18.84 -31.82
C PHE B 186 5.82 -18.13 -32.56
N HIS B 187 6.95 -18.80 -32.72
CA HIS B 187 8.09 -18.20 -33.42
C HIS B 187 7.73 -17.87 -34.87
N LEU B 188 7.08 -18.80 -35.55
CA LEU B 188 6.71 -18.58 -36.94
C LEU B 188 5.75 -17.40 -37.08
N ALA B 189 4.80 -17.30 -36.15
CA ALA B 189 3.84 -16.18 -36.13
C ALA B 189 4.52 -14.86 -35.82
N LEU B 190 5.41 -14.88 -34.82
CA LEU B 190 6.19 -13.71 -34.44
C LEU B 190 6.97 -13.21 -35.64
N TYR B 191 7.74 -14.11 -36.24
CA TYR B 191 8.62 -13.79 -37.35
C TYR B 191 7.85 -13.20 -38.54
N THR B 192 6.82 -13.92 -39.00
CA THR B 192 5.98 -13.47 -40.11
C THR B 192 5.49 -12.04 -39.92
N VAL B 193 4.94 -11.75 -38.75
CA VAL B 193 4.26 -10.48 -38.51
C VAL B 193 5.24 -9.33 -38.20
N THR B 194 6.21 -9.58 -37.32
CA THR B 194 7.05 -8.52 -36.74
C THR B 194 8.52 -8.65 -37.11
N GLY B 195 8.89 -9.74 -37.77
CA GLY B 195 10.30 -10.04 -37.97
C GLY B 195 11.04 -10.49 -36.71
N GLN B 196 10.39 -10.49 -35.55
CA GLN B 196 11.01 -10.97 -34.29
C GLN B 196 11.20 -12.51 -34.21
N SER B 197 11.92 -12.94 -33.18
CA SER B 197 12.31 -14.33 -32.97
C SER B 197 11.92 -14.84 -31.57
N TRP B 198 11.67 -16.15 -31.46
CA TRP B 198 11.52 -16.85 -30.17
C TRP B 198 12.28 -16.08 -29.10
N PRO B 199 11.55 -15.48 -28.16
CA PRO B 199 12.17 -14.60 -27.14
C PRO B 199 12.95 -15.32 -26.06
N GLU B 200 14.10 -14.74 -25.74
CA GLU B 200 15.00 -15.25 -24.71
C GLU B 200 14.28 -15.65 -23.42
N SER B 201 13.26 -14.89 -23.04
CA SER B 201 12.49 -15.22 -21.83
C SER B 201 11.72 -16.55 -21.94
N LEU B 202 11.39 -16.97 -23.17
CA LEU B 202 10.76 -18.28 -23.36
C LEU B 202 11.76 -19.44 -23.34
N ILE B 203 13.00 -19.13 -23.66
CA ILE B 203 14.08 -20.08 -23.47
C ILE B 203 14.22 -20.40 -22.00
N ARG B 204 14.16 -19.37 -21.16
CA ARG B 204 14.28 -19.60 -19.72
C ARG B 204 13.06 -20.29 -19.15
N LYS B 205 11.90 -20.04 -19.74
CA LYS B 205 10.66 -20.67 -19.29
C LYS B 205 10.64 -22.15 -19.70
N THR B 206 10.87 -22.41 -20.97
CA THR B 206 10.62 -23.74 -21.54
C THR B 206 11.87 -24.59 -21.68
N GLY B 207 13.02 -23.94 -21.83
CA GLY B 207 14.25 -24.67 -22.07
C GLY B 207 14.46 -24.97 -23.54
N TYR B 208 13.51 -24.57 -24.37
CA TYR B 208 13.59 -24.73 -25.82
C TYR B 208 14.29 -23.53 -26.45
N THR B 209 15.14 -23.81 -27.44
CA THR B 209 15.82 -22.79 -28.23
C THR B 209 15.33 -23.00 -29.65
N LEU B 210 15.56 -21.98 -30.48
CA LEU B 210 15.36 -22.10 -31.92
C LEU B 210 15.99 -23.37 -32.49
N GLU B 211 17.13 -23.78 -31.92
CA GLU B 211 17.80 -25.00 -32.34
C GLU B 211 16.98 -26.27 -32.02
N SER B 212 16.40 -26.32 -30.82
CA SER B 212 15.58 -27.47 -30.43
C SER B 212 14.22 -27.53 -31.14
N LEU B 213 13.71 -26.36 -31.53
CA LEU B 213 12.42 -26.24 -32.25
C LEU B 213 12.54 -26.45 -33.77
N LYS B 214 13.73 -26.21 -34.30
CA LYS B 214 14.03 -26.30 -35.74
C LYS B 214 13.35 -27.43 -36.53
N PRO B 215 13.42 -28.69 -36.09
CA PRO B 215 12.74 -29.78 -36.82
C PRO B 215 11.24 -29.49 -37.04
N CYS B 216 10.52 -29.21 -35.96
CA CYS B 216 9.09 -28.92 -36.03
C CYS B 216 8.84 -27.66 -36.84
N LEU B 217 9.70 -26.66 -36.60
CA LEU B 217 9.68 -25.41 -37.33
C LEU B 217 9.92 -25.60 -38.83
N MET B 218 10.78 -26.54 -39.20
CA MET B 218 10.96 -26.91 -40.61
C MET B 218 9.67 -27.46 -41.21
N ASP B 219 9.01 -28.35 -40.47
CA ASP B 219 7.75 -28.93 -40.95
C ASP B 219 6.64 -27.87 -40.99
N LEU B 220 6.49 -27.10 -39.92
CA LEU B 220 5.43 -26.09 -39.85
C LEU B 220 5.60 -24.98 -40.90
N HIS B 221 6.84 -24.57 -41.13
CA HIS B 221 7.10 -23.65 -42.21
C HIS B 221 6.57 -24.18 -43.54
N GLN B 222 6.87 -25.44 -43.88
CA GLN B 222 6.38 -26.02 -45.15
C GLN B 222 4.85 -26.08 -45.16
N THR B 223 4.26 -26.50 -44.05
CA THR B 223 2.81 -26.61 -43.94
C THR B 223 2.12 -25.27 -44.19
N TYR B 224 2.71 -24.21 -43.66
CA TYR B 224 2.26 -22.84 -43.87
C TYR B 224 2.31 -22.44 -45.37
N LEU B 225 3.46 -22.68 -46.01
CA LEU B 225 3.66 -22.36 -47.43
C LEU B 225 2.69 -23.08 -48.36
N LYS B 226 2.41 -24.34 -48.07
CA LYS B 226 1.56 -25.20 -48.90
C LYS B 226 0.09 -25.19 -48.49
N ALA B 227 -0.26 -24.31 -47.54
CA ALA B 227 -1.60 -24.32 -46.94
C ALA B 227 -2.73 -24.10 -47.97
N PRO B 228 -2.60 -23.08 -48.84
CA PRO B 228 -3.61 -22.85 -49.90
C PRO B 228 -3.79 -24.02 -50.86
N GLN B 229 -2.84 -24.95 -50.90
CA GLN B 229 -2.86 -26.08 -51.83
C GLN B 229 -3.37 -27.40 -51.22
N HIS B 230 -3.51 -27.43 -49.89
CA HIS B 230 -3.94 -28.63 -49.14
C HIS B 230 -5.36 -29.04 -49.53
N ALA B 231 -5.63 -30.33 -49.58
CA ALA B 231 -6.99 -30.84 -49.86
C ALA B 231 -8.04 -30.32 -48.87
N GLN B 232 -7.60 -29.99 -47.65
CA GLN B 232 -8.50 -29.52 -46.60
C GLN B 232 -8.32 -28.02 -46.38
N GLN B 233 -9.43 -27.29 -46.39
CA GLN B 233 -9.38 -25.82 -46.41
C GLN B 233 -10.20 -25.13 -45.33
N SER B 234 -10.88 -25.89 -44.47
CA SER B 234 -11.78 -25.28 -43.47
C SER B 234 -11.09 -24.38 -42.47
N ILE B 235 -9.84 -24.68 -42.13
CA ILE B 235 -9.10 -23.85 -41.21
C ILE B 235 -8.76 -22.51 -41.86
N ARG B 236 -8.19 -22.55 -43.07
CA ARG B 236 -7.92 -21.34 -43.84
C ARG B 236 -9.15 -20.45 -43.97
N GLU B 237 -10.30 -21.04 -44.32
CA GLU B 237 -11.57 -20.32 -44.38
C GLU B 237 -11.96 -19.76 -43.02
N LYS B 238 -11.80 -20.56 -41.96
CA LYS B 238 -12.08 -20.10 -40.60
C LYS B 238 -11.25 -18.87 -40.24
N TYR B 239 -9.95 -18.91 -40.50
CA TYR B 239 -9.09 -17.81 -40.06
C TYR B 239 -9.07 -16.58 -40.98
N LYS B 240 -9.93 -16.63 -42.01
CA LYS B 240 -10.24 -15.49 -42.85
C LYS B 240 -11.13 -14.50 -42.10
N ASN B 241 -11.78 -14.97 -41.04
CA ASN B 241 -12.72 -14.16 -40.28
C ASN B 241 -12.10 -13.04 -39.46
N SER B 242 -12.81 -11.92 -39.39
CA SER B 242 -12.38 -10.75 -38.60
C SER B 242 -12.13 -11.13 -37.14
N LYS B 243 -12.93 -12.06 -36.62
CA LYS B 243 -12.71 -12.61 -35.29
C LYS B 243 -11.26 -13.07 -35.08
N TYR B 244 -10.61 -13.57 -36.13
CA TYR B 244 -9.20 -13.96 -36.06
C TYR B 244 -8.30 -13.04 -36.88
N HIS B 245 -8.73 -11.79 -37.04
CA HIS B 245 -7.94 -10.73 -37.69
C HIS B 245 -7.48 -11.11 -39.10
N GLY B 246 -8.24 -12.02 -39.73
CA GLY B 246 -8.00 -12.47 -41.09
C GLY B 246 -6.59 -12.95 -41.36
N VAL B 247 -5.95 -13.59 -40.38
CA VAL B 247 -4.52 -13.91 -40.48
C VAL B 247 -4.17 -14.94 -41.53
N SER B 248 -5.15 -15.74 -41.96
CA SER B 248 -4.89 -16.70 -43.05
C SER B 248 -4.75 -16.03 -44.42
N LEU B 249 -4.92 -14.71 -44.48
CA LEU B 249 -4.62 -13.95 -45.70
C LEU B 249 -3.21 -13.37 -45.73
N LEU B 250 -2.57 -13.26 -44.57
CA LEU B 250 -1.18 -12.83 -44.46
C LEU B 250 -0.31 -13.77 -45.26
N ASN B 251 0.77 -13.27 -45.83
CA ASN B 251 1.69 -14.11 -46.62
C ASN B 251 2.84 -14.70 -45.79
N PRO B 252 3.03 -16.01 -45.88
CA PRO B 252 4.17 -16.66 -45.23
C PRO B 252 5.51 -16.12 -45.73
N PRO B 253 6.53 -16.13 -44.87
CA PRO B 253 7.89 -15.81 -45.32
C PRO B 253 8.41 -16.95 -46.19
N GLU B 254 9.28 -16.64 -47.15
CA GLU B 254 9.79 -17.69 -48.04
C GLU B 254 10.98 -18.41 -47.43
N THR B 255 11.69 -17.73 -46.54
CA THR B 255 12.75 -18.36 -45.73
C THR B 255 12.55 -18.01 -44.27
N LEU B 256 13.07 -18.86 -43.39
CA LEU B 256 13.04 -18.61 -41.95
C LEU B 256 14.34 -17.97 -41.49
N ASN B 257 15.37 -18.03 -42.34
CA ASN B 257 16.71 -17.51 -42.05
C ASN B 257 17.31 -18.09 -40.76
N LEU B 258 17.34 -19.42 -40.69
CA LEU B 258 17.92 -20.12 -39.55
C LEU B 258 19.31 -20.66 -39.88
N SER C 1 -17.02 33.68 25.39
CA SER C 1 -16.59 33.15 26.72
C SER C 1 -16.06 34.27 27.63
N MET C 2 -16.07 35.50 27.13
CA MET C 2 -15.65 36.65 27.93
C MET C 2 -16.65 36.98 29.03
N GLU C 3 -17.91 36.62 28.82
CA GLU C 3 -18.96 36.76 29.83
C GLU C 3 -18.54 36.17 31.17
N ASN C 4 -17.87 35.02 31.14
CA ASN C 4 -17.57 34.28 32.37
C ASN C 4 -16.26 34.59 33.08
N PHE C 5 -15.49 35.54 32.57
CA PHE C 5 -14.24 35.91 33.22
C PHE C 5 -14.35 37.27 33.90
N GLN C 6 -14.06 37.30 35.20
CA GLN C 6 -14.02 38.56 35.96
C GLN C 6 -12.58 39.03 36.04
N LYS C 7 -12.30 40.19 35.44
CA LYS C 7 -10.97 40.77 35.53
C LYS C 7 -10.74 41.28 36.95
N VAL C 8 -9.57 40.98 37.50
CA VAL C 8 -9.25 41.29 38.89
C VAL C 8 -8.25 42.45 38.98
N GLU C 9 -7.27 42.47 38.07
CA GLU C 9 -6.19 43.46 38.05
C GLU C 9 -5.24 43.18 36.89
N LYS C 10 -4.62 44.25 36.38
CA LYS C 10 -3.60 44.12 35.36
C LYS C 10 -2.28 43.65 35.98
N ILE C 11 -1.61 42.68 35.36
CA ILE C 11 -0.38 42.12 35.93
C ILE C 11 0.85 42.22 35.05
N GLY C 12 0.66 42.66 33.81
CA GLY C 12 1.75 42.74 32.85
C GLY C 12 1.27 43.37 31.57
N GLU C 13 2.19 43.61 30.65
CA GLU C 13 1.87 44.29 29.40
C GLU C 13 3.01 44.16 28.41
N GLY C 14 2.63 43.89 27.16
CA GLY C 14 3.55 43.93 26.03
C GLY C 14 3.06 44.89 24.97
N THR C 15 3.66 44.80 23.77
CA THR C 15 3.28 45.67 22.66
C THR C 15 1.87 45.40 22.14
N TYR C 16 1.55 44.12 21.94
CA TYR C 16 0.22 43.69 21.47
C TYR C 16 -0.63 43.21 22.65
N GLY C 17 0.00 42.44 23.53
CA GLY C 17 -0.68 41.88 24.69
C GLY C 17 -0.85 42.81 25.87
N VAL C 18 -1.89 42.55 26.65
CA VAL C 18 -1.98 43.04 28.02
C VAL C 18 -2.44 41.82 28.83
N VAL C 19 -1.75 41.56 29.94
CA VAL C 19 -2.05 40.39 30.75
C VAL C 19 -2.82 40.80 32.00
N TYR C 20 -3.98 40.17 32.19
CA TYR C 20 -4.80 40.40 33.39
C TYR C 20 -4.86 39.16 34.23
N LYS C 21 -4.94 39.36 35.54
CA LYS C 21 -5.35 38.31 36.43
C LYS C 21 -6.87 38.29 36.37
N ALA C 22 -7.42 37.09 36.21
CA ALA C 22 -8.87 36.98 36.10
C ALA C 22 -9.42 35.72 36.77
N ARG C 23 -10.70 35.78 37.14
CA ARG C 23 -11.40 34.69 37.76
C ARG C 23 -12.54 34.20 36.86
N ASN C 24 -12.55 32.89 36.59
CA ASN C 24 -13.67 32.24 35.94
C ASN C 24 -14.84 32.24 36.92
N LYS C 25 -15.92 32.94 36.56
CA LYS C 25 -17.08 33.10 37.42
C LYS C 25 -17.76 31.77 37.77
N LEU C 26 -17.78 30.84 36.83
CA LEU C 26 -18.48 29.58 37.02
C LEU C 26 -17.67 28.52 37.78
N THR C 27 -16.38 28.37 37.44
CA THR C 27 -15.53 27.33 38.04
C THR C 27 -14.70 27.80 39.25
N GLY C 28 -14.62 29.12 39.42
CA GLY C 28 -13.76 29.72 40.43
C GLY C 28 -12.30 29.87 40.04
N GLU C 29 -11.87 29.25 38.95
CA GLU C 29 -10.46 29.17 38.58
C GLU C 29 -9.85 30.52 38.25
N VAL C 30 -8.83 30.90 38.99
CA VAL C 30 -8.06 32.10 38.67
C VAL C 30 -7.13 31.82 37.49
N VAL C 31 -7.13 32.72 36.52
CA VAL C 31 -6.36 32.54 35.29
C VAL C 31 -5.61 33.84 34.95
N ALA C 32 -4.68 33.73 34.00
CA ALA C 32 -4.11 34.91 33.37
C ALA C 32 -4.67 35.04 31.96
N LEU C 33 -5.24 36.20 31.66
CA LEU C 33 -5.81 36.50 30.35
C LEU C 33 -4.90 37.42 29.59
N LYS C 34 -4.45 36.99 28.41
CA LYS C 34 -3.71 37.88 27.55
C LYS C 34 -4.59 38.42 26.42
N LYS C 35 -4.88 39.71 26.48
CA LYS C 35 -5.64 40.40 25.45
C LYS C 35 -4.68 40.86 24.35
N ILE C 36 -4.93 40.44 23.11
CA ILE C 36 -4.10 40.83 21.96
C ILE C 36 -4.96 41.55 20.93
N ARG C 37 -4.66 42.82 20.66
CA ARG C 37 -5.43 43.60 19.70
C ARG C 37 -5.16 43.16 18.28
N LEU C 38 -6.22 42.92 17.52
CA LEU C 38 -6.10 42.59 16.11
C LEU C 38 -6.27 43.83 15.22
N ASP C 39 -6.12 43.65 13.91
CA ASP C 39 -6.28 44.74 12.94
C ASP C 39 -7.57 44.62 12.15
N THR C 40 -7.47 43.90 11.04
CA THR C 40 -8.48 43.81 9.99
C THR C 40 -8.44 45.02 9.06
N GLU C 41 -7.70 46.05 9.43
CA GLU C 41 -7.49 47.17 8.51
C GLU C 41 -6.05 47.22 7.99
N THR C 42 -5.11 46.60 8.72
CA THR C 42 -3.70 46.66 8.38
C THR C 42 -3.03 45.29 8.19
N GLU C 43 -2.43 44.75 9.26
CA GLU C 43 -1.60 43.56 9.16
C GLU C 43 -2.24 42.26 9.67
N GLY C 44 -3.39 42.36 10.33
CA GLY C 44 -4.11 41.19 10.82
C GLY C 44 -3.55 40.66 12.11
N VAL C 45 -3.48 39.33 12.23
CA VAL C 45 -2.99 38.70 13.45
C VAL C 45 -1.47 38.83 13.43
N PRO C 46 -0.88 39.38 14.49
CA PRO C 46 0.56 39.61 14.49
C PRO C 46 1.32 38.28 14.51
N SER C 47 2.41 38.20 13.74
CA SER C 47 3.15 36.94 13.64
C SER C 47 3.62 36.43 15.00
N THR C 48 3.89 37.35 15.93
CA THR C 48 4.24 36.97 17.31
C THR C 48 3.13 36.16 17.97
N ALA C 49 1.88 36.52 17.68
CA ALA C 49 0.74 35.86 18.27
C ALA C 49 0.53 34.48 17.60
N ILE C 50 0.83 34.41 16.30
CA ILE C 50 0.64 33.18 15.54
C ILE C 50 1.65 32.11 15.94
N ARG C 51 2.85 32.54 16.29
CA ARG C 51 3.85 31.61 16.80
C ARG C 51 3.56 31.20 18.23
N GLU C 52 3.23 32.15 19.11
CA GLU C 52 3.00 31.84 20.52
C GLU C 52 1.96 30.73 20.65
N ILE C 53 0.75 31.02 20.13
CA ILE C 53 -0.38 30.10 20.16
C ILE C 53 -0.12 28.76 19.47
N SER C 54 0.32 28.79 18.21
CA SER C 54 0.53 27.54 17.46
C SER C 54 1.55 26.63 18.14
N LEU C 55 2.52 27.23 18.82
CA LEU C 55 3.60 26.48 19.44
C LEU C 55 3.25 26.05 20.85
N LEU C 56 2.52 26.89 21.57
CA LEU C 56 2.11 26.61 22.94
C LEU C 56 1.04 25.53 23.00
N LYS C 57 0.30 25.40 21.91
CA LYS C 57 -0.73 24.37 21.76
C LYS C 57 -0.13 22.96 21.85
N GLU C 58 1.09 22.82 21.34
CA GLU C 58 1.79 21.54 21.31
C GLU C 58 2.67 21.29 22.54
N LEU C 59 2.72 22.25 23.46
CA LEU C 59 3.66 22.16 24.55
C LEU C 59 2.96 21.88 25.89
N ASN C 60 2.46 20.65 26.01
CA ASN C 60 1.78 20.17 27.18
C ASN C 60 2.80 19.54 28.15
N HIS C 61 3.21 20.31 29.16
CA HIS C 61 4.24 19.90 30.12
C HIS C 61 4.07 20.62 31.47
N PRO C 62 4.31 19.92 32.59
CA PRO C 62 4.23 20.51 33.93
C PRO C 62 5.04 21.80 34.15
N ASN C 63 6.12 21.99 33.39
CA ASN C 63 6.99 23.16 33.61
C ASN C 63 6.91 24.25 32.53
N ILE C 64 5.86 24.18 31.72
CA ILE C 64 5.56 25.22 30.74
C ILE C 64 4.18 25.75 31.10
N VAL C 65 4.02 27.07 31.18
CA VAL C 65 2.72 27.66 31.50
C VAL C 65 1.72 27.20 30.44
N LYS C 66 0.62 26.64 30.90
CA LYS C 66 -0.35 26.01 30.02
C LYS C 66 -1.28 27.03 29.40
N LEU C 67 -1.44 26.94 28.09
CA LEU C 67 -2.49 27.69 27.40
C LEU C 67 -3.78 26.89 27.46
N LEU C 68 -4.79 27.45 28.14
CA LEU C 68 -6.06 26.77 28.39
C LEU C 68 -7.09 26.99 27.29
N ASP C 69 -7.11 28.18 26.70
CA ASP C 69 -8.10 28.50 25.68
C ASP C 69 -7.66 29.70 24.83
N VAL C 70 -8.22 29.81 23.62
CA VAL C 70 -8.12 31.01 22.80
C VAL C 70 -9.55 31.42 22.47
N ILE C 71 -9.91 32.64 22.86
CA ILE C 71 -11.26 33.13 22.65
C ILE C 71 -11.20 34.23 21.60
N HIS C 72 -12.01 34.07 20.56
CA HIS C 72 -11.74 34.78 19.32
C HIS C 72 -12.18 36.23 19.18
N THR C 73 -13.45 36.55 18.93
CA THR C 73 -13.78 37.96 18.71
C THR C 73 -13.11 38.47 17.41
N GLU C 74 -13.77 39.36 16.68
CA GLU C 74 -13.19 39.80 15.42
C GLU C 74 -12.11 40.86 15.56
N ASN C 75 -12.08 41.53 16.72
CA ASN C 75 -11.08 42.58 17.00
C ASN C 75 -9.98 42.24 18.02
N LYS C 76 -10.20 41.22 18.84
CA LYS C 76 -9.22 40.83 19.86
C LYS C 76 -9.07 39.33 19.92
N LEU C 77 -7.92 38.89 20.43
CA LEU C 77 -7.71 37.51 20.82
C LEU C 77 -7.47 37.53 22.33
N TYR C 78 -8.12 36.62 23.06
CA TYR C 78 -7.80 36.44 24.46
C TYR C 78 -7.22 35.07 24.67
N LEU C 79 -6.02 35.03 25.22
CA LEU C 79 -5.41 33.76 25.54
C LEU C 79 -5.58 33.53 27.02
N VAL C 80 -6.14 32.39 27.40
CA VAL C 80 -6.33 32.03 28.79
C VAL C 80 -5.17 31.13 29.18
N PHE C 81 -4.46 31.52 30.24
CA PHE C 81 -3.29 30.78 30.74
C PHE C 81 -3.52 30.35 32.17
N GLU C 82 -2.88 29.25 32.58
CA GLU C 82 -2.80 28.94 34.02
C GLU C 82 -2.11 30.10 34.75
N PHE C 83 -2.61 30.39 35.94
CA PHE C 83 -2.10 31.50 36.73
C PHE C 83 -1.04 31.05 37.72
N LEU C 84 0.11 31.72 37.65
CA LEU C 84 1.19 31.48 38.60
C LEU C 84 1.35 32.72 39.46
N HIS C 85 2.16 32.65 40.52
CA HIS C 85 2.09 33.68 41.55
C HIS C 85 3.03 34.88 41.41
N GLN C 86 4.22 34.66 40.88
CA GLN C 86 5.10 35.75 40.48
C GLN C 86 6.19 35.25 39.57
N ASP C 87 6.85 36.18 38.88
CA ASP C 87 8.03 35.87 38.10
C ASP C 87 9.22 35.68 39.04
N LEU C 88 10.28 35.07 38.52
CA LEU C 88 11.48 34.77 39.29
C LEU C 88 12.25 36.04 39.63
N LYS C 89 12.27 37.01 38.71
CA LYS C 89 12.89 38.30 39.00
C LYS C 89 12.34 38.93 40.28
N LYS C 90 11.02 39.00 40.41
CA LYS C 90 10.37 39.58 41.58
C LYS C 90 10.68 38.80 42.85
N PHE C 91 10.95 37.50 42.70
CA PHE C 91 11.27 36.63 43.82
C PHE C 91 12.73 36.78 44.24
N MET C 92 13.60 36.95 43.26
CA MET C 92 15.01 37.21 43.55
C MET C 92 15.15 38.52 44.33
N ASP C 93 14.57 39.60 43.81
CA ASP C 93 14.58 40.89 44.50
C ASP C 93 14.06 40.80 45.94
N ALA C 94 12.98 40.06 46.13
CA ALA C 94 12.39 39.89 47.46
C ALA C 94 13.31 39.05 48.36
N SER C 95 14.24 38.33 47.73
CA SER C 95 15.21 37.52 48.46
C SER C 95 16.59 38.18 48.46
N ALA C 96 16.68 39.41 47.93
CA ALA C 96 17.96 40.13 47.81
C ALA C 96 18.82 39.99 49.06
N LEU C 97 18.22 40.21 50.22
CA LEU C 97 18.91 40.05 51.50
C LEU C 97 18.96 38.59 51.96
N THR C 98 17.82 37.90 51.90
CA THR C 98 17.69 36.54 52.46
C THR C 98 18.62 35.48 51.85
N GLY C 99 18.71 35.44 50.53
CA GLY C 99 19.65 34.55 49.85
C GLY C 99 19.13 33.53 48.86
N ILE C 100 17.93 33.00 49.11
CA ILE C 100 17.40 31.82 48.41
C ILE C 100 18.19 30.55 48.76
N PRO C 101 17.61 29.68 49.59
CA PRO C 101 18.22 28.39 49.91
C PRO C 101 18.63 27.61 48.67
N LEU C 102 19.76 26.91 48.77
CA LEU C 102 20.33 26.15 47.65
C LEU C 102 19.50 24.94 47.14
N PRO C 103 18.79 24.22 48.00
CA PRO C 103 17.87 23.18 47.54
C PRO C 103 16.80 23.73 46.58
N LEU C 104 16.23 24.89 46.89
CA LEU C 104 15.23 25.53 46.03
C LEU C 104 15.77 25.93 44.66
N ILE C 105 16.97 26.52 44.62
CA ILE C 105 17.64 26.82 43.34
C ILE C 105 17.83 25.53 42.56
N LYS C 106 18.26 24.49 43.26
CA LYS C 106 18.46 23.19 42.63
C LYS C 106 17.16 22.68 42.00
N SER C 107 16.08 22.74 42.79
CA SER C 107 14.72 22.41 42.33
C SER C 107 14.34 23.21 41.08
N TYR C 108 14.55 24.53 41.13
CA TYR C 108 14.18 25.42 40.03
C TYR C 108 15.00 25.14 38.78
N LEU C 109 16.31 24.98 38.92
CA LEU C 109 17.12 24.68 37.76
C LEU C 109 16.69 23.36 37.13
N PHE C 110 16.45 22.35 37.96
CA PHE C 110 16.02 21.04 37.49
C PHE C 110 14.75 21.15 36.63
N GLN C 111 13.74 21.83 37.17
CA GLN C 111 12.46 22.01 36.49
C GLN C 111 12.61 22.80 35.18
N LEU C 112 13.37 23.91 35.22
CA LEU C 112 13.55 24.75 34.03
C LEU C 112 14.15 23.94 32.89
N LEU C 113 15.09 23.06 33.25
CA LEU C 113 15.74 22.16 32.32
C LEU C 113 14.76 21.13 31.77
N GLN C 114 13.85 20.65 32.61
CA GLN C 114 12.85 19.67 32.16
C GLN C 114 11.92 20.32 31.13
N GLY C 115 11.47 21.54 31.44
CA GLY C 115 10.67 22.32 30.51
C GLY C 115 11.39 22.54 29.19
N LEU C 116 12.67 22.89 29.28
CA LEU C 116 13.47 23.25 28.11
C LEU C 116 13.84 22.01 27.27
N ALA C 117 14.21 20.93 27.96
CA ALA C 117 14.40 19.65 27.29
C ALA C 117 13.18 19.34 26.42
N PHE C 118 11.99 19.52 26.99
CA PHE C 118 10.71 19.31 26.29
C PHE C 118 10.52 20.26 25.11
N CYS C 119 10.85 21.54 25.26
CA CYS C 119 10.78 22.46 24.12
C CYS C 119 11.70 21.99 23.01
N HIS C 120 12.96 21.73 23.34
CA HIS C 120 13.94 21.38 22.32
C HIS C 120 13.60 20.07 21.62
N SER C 121 13.15 19.08 22.38
CA SER C 121 12.73 17.80 21.77
C SER C 121 11.42 17.92 20.99
N HIS C 122 10.78 19.09 21.04
CA HIS C 122 9.59 19.33 20.26
C HIS C 122 9.81 20.45 19.25
N ARG C 123 11.09 20.60 18.89
CA ARG C 123 11.61 21.55 17.89
C ARG C 123 11.19 23.03 18.06
N VAL C 124 11.10 23.46 19.31
CA VAL C 124 10.79 24.85 19.63
C VAL C 124 11.98 25.54 20.31
N LEU C 125 12.39 26.68 19.78
CA LEU C 125 13.33 27.56 20.47
C LEU C 125 12.55 28.61 21.27
N HIS C 126 12.86 28.77 22.55
CA HIS C 126 12.20 29.84 23.31
C HIS C 126 12.74 31.21 22.87
N ARG C 127 14.06 31.39 22.99
CA ARG C 127 14.80 32.58 22.58
C ARG C 127 14.51 33.85 23.38
N ASP C 128 14.01 33.69 24.60
CA ASP C 128 13.80 34.84 25.47
C ASP C 128 13.77 34.41 26.93
N LEU C 129 14.70 33.53 27.29
CA LEU C 129 14.77 33.08 28.68
C LEU C 129 15.44 34.16 29.52
N LYS C 130 14.76 34.53 30.60
CA LYS C 130 15.24 35.50 31.57
C LYS C 130 14.29 35.37 32.75
N PRO C 131 14.70 35.80 33.94
CA PRO C 131 13.90 35.58 35.17
C PRO C 131 12.50 36.22 35.16
N GLN C 132 12.30 37.27 34.36
CA GLN C 132 11.00 37.93 34.25
C GLN C 132 9.98 37.05 33.53
N ASN C 133 10.49 36.12 32.73
CA ASN C 133 9.68 35.17 31.95
C ASN C 133 9.52 33.79 32.59
N LEU C 134 10.03 33.62 33.80
CA LEU C 134 9.96 32.35 34.51
C LEU C 134 9.04 32.56 35.69
N LEU C 135 7.95 31.79 35.72
CA LEU C 135 6.94 32.03 36.74
C LEU C 135 6.94 30.93 37.78
N ILE C 136 6.62 31.28 39.02
CA ILE C 136 6.62 30.33 40.12
C ILE C 136 5.32 30.40 40.89
N ASN C 137 4.97 29.34 41.59
CA ASN C 137 3.82 29.37 42.49
C ASN C 137 4.21 29.05 43.93
N THR C 138 3.22 29.04 44.83
CA THR C 138 3.46 28.67 46.23
C THR C 138 3.80 27.20 46.42
N GLU C 139 3.47 26.35 45.45
CA GLU C 139 3.72 24.91 45.58
C GLU C 139 5.13 24.46 45.13
N GLY C 140 6.02 25.41 44.87
CA GLY C 140 7.39 25.07 44.54
C GLY C 140 7.70 24.75 43.08
N ALA C 141 6.75 25.04 42.19
CA ALA C 141 6.96 24.83 40.75
C ALA C 141 7.50 26.08 40.06
N ILE C 142 8.23 25.88 38.96
CA ILE C 142 8.64 26.99 38.10
C ILE C 142 8.37 26.61 36.65
N LYS C 143 7.92 27.57 35.84
CA LYS C 143 7.53 27.27 34.47
C LYS C 143 7.95 28.33 33.47
N LEU C 144 8.36 27.91 32.28
CA LEU C 144 8.61 28.83 31.17
C LEU C 144 7.33 29.54 30.70
N ALA C 145 7.43 30.84 30.51
CA ALA C 145 6.34 31.64 29.96
C ALA C 145 6.86 32.62 28.90
N ASP C 146 5.91 33.26 28.24
CA ASP C 146 6.12 34.17 27.11
C ASP C 146 6.86 33.54 25.95
N PHE C 147 6.09 32.87 25.09
CA PHE C 147 6.63 32.24 23.88
C PHE C 147 6.51 33.16 22.65
N GLY C 148 6.44 34.46 22.89
CA GLY C 148 6.27 35.44 21.82
C GLY C 148 7.47 35.50 20.88
N LEU C 149 8.64 35.21 21.41
CA LEU C 149 9.87 35.27 20.62
C LEU C 149 10.28 33.88 20.14
N ALA C 150 9.46 32.87 20.47
CA ALA C 150 9.74 31.47 20.12
C ALA C 150 9.68 31.20 18.62
N ARG C 151 10.24 30.06 18.21
CA ARG C 151 10.07 29.62 16.84
C ARG C 151 10.38 28.13 16.65
N ALA C 152 9.69 27.49 15.71
CA ALA C 152 9.94 26.09 15.41
C ALA C 152 11.22 25.98 14.58
N PHE C 153 12.19 25.23 15.08
CA PHE C 153 13.45 25.09 14.35
C PHE C 153 13.52 23.84 13.46
N GLY C 154 14.29 23.94 12.38
CA GLY C 154 14.57 22.80 11.50
C GLY C 154 15.78 22.04 12.04
N VAL C 155 15.99 20.81 11.57
CA VAL C 155 17.04 19.96 12.17
C VAL C 155 18.46 20.53 11.99
N PRO C 156 19.06 20.46 10.79
CA PRO C 156 20.12 21.42 10.51
C PRO C 156 19.36 22.73 10.46
N VAL C 157 19.57 23.58 11.46
CA VAL C 157 18.85 24.85 11.51
C VAL C 157 19.15 25.61 10.23
N ARG C 158 18.36 26.62 9.91
CA ARG C 158 18.81 27.62 8.97
C ARG C 158 18.94 28.97 9.68
N THR C 159 19.13 30.02 8.90
CA THR C 159 19.27 31.35 9.49
C THR C 159 17.91 31.81 10.02
N TYR C 160 17.90 32.21 11.28
CA TYR C 160 16.71 32.75 11.90
C TYR C 160 16.94 34.21 12.26
N TPO C 161 16.00 34.82 12.98
CA TPO C 161 16.07 36.23 13.33
CB TPO C 161 14.74 36.68 13.93
CG2 TPO C 161 14.72 38.18 14.21
OG1 TPO C 161 13.73 36.34 12.99
P TPO C 161 12.69 35.15 13.31
O1P TPO C 161 11.62 35.01 12.15
O2P TPO C 161 13.50 33.80 13.48
O3P TPO C 161 11.93 35.47 14.68
C TPO C 161 17.22 36.49 14.27
O TPO C 161 17.37 35.83 15.28
N HIS C 162 18.04 37.46 13.91
CA HIS C 162 19.19 37.83 14.72
C HIS C 162 18.77 38.63 15.95
N GLU C 163 17.70 39.41 15.80
CA GLU C 163 17.19 40.28 16.87
C GLU C 163 16.56 39.43 17.98
N VAL C 164 17.43 38.79 18.78
CA VAL C 164 16.98 37.68 19.61
C VAL C 164 17.65 37.65 20.99
N VAL C 165 16.88 37.30 22.01
CA VAL C 165 17.30 37.28 23.41
C VAL C 165 17.58 38.69 23.96
N THR C 166 16.96 38.99 25.11
CA THR C 166 17.32 40.15 25.91
C THR C 166 18.84 40.10 26.13
N LEU C 167 19.50 41.24 25.90
CA LEU C 167 20.97 41.30 25.80
C LEU C 167 21.74 40.54 26.87
N TRP C 168 21.37 40.77 28.13
CA TRP C 168 22.08 40.19 29.26
C TRP C 168 22.18 38.66 29.22
N TYR C 169 21.30 38.01 28.44
CA TYR C 169 21.17 36.55 28.45
C TYR C 169 21.50 35.97 27.09
N ARG C 170 22.06 36.82 26.24
CA ARG C 170 22.40 36.50 24.86
C ARG C 170 23.72 35.76 24.77
N ALA C 171 23.69 34.64 24.04
CA ALA C 171 24.87 33.80 23.82
C ALA C 171 25.93 34.59 23.04
N PRO C 172 27.21 34.25 23.24
CA PRO C 172 28.29 34.83 22.43
C PRO C 172 28.09 34.63 20.93
N GLU C 173 27.58 33.46 20.52
CA GLU C 173 27.36 33.17 19.09
C GLU C 173 26.41 34.17 18.38
N ILE C 174 25.43 34.71 19.10
CA ILE C 174 24.55 35.73 18.52
C ILE C 174 25.27 37.09 18.51
N LEU C 175 25.99 37.35 19.60
CA LEU C 175 26.72 38.60 19.77
C LEU C 175 27.84 38.70 18.74
N LEU C 176 28.44 37.56 18.39
CA LEU C 176 29.48 37.51 17.37
C LEU C 176 28.90 37.39 15.95
N GLY C 177 27.57 37.51 15.85
CA GLY C 177 26.86 37.53 14.59
C GLY C 177 26.99 36.31 13.69
N CYS C 178 27.12 35.12 14.27
CA CYS C 178 27.18 33.87 13.51
C CYS C 178 25.87 33.60 12.78
N LYS C 179 25.95 33.00 11.59
CA LYS C 179 24.76 32.82 10.73
C LYS C 179 23.73 31.86 11.29
N TYR C 180 24.20 30.77 11.89
CA TYR C 180 23.34 29.75 12.46
C TYR C 180 23.42 29.76 13.97
N TYR C 181 22.28 29.50 14.61
CA TYR C 181 22.26 29.19 16.02
C TYR C 181 21.15 28.16 16.30
N SER C 182 21.26 27.47 17.43
CA SER C 182 20.22 26.52 17.79
C SER C 182 19.91 26.54 19.28
N THR C 183 19.71 25.35 19.84
CA THR C 183 19.17 25.18 21.17
C THR C 183 20.16 25.64 22.23
N ALA C 184 21.45 25.60 21.91
CA ALA C 184 22.47 26.06 22.85
C ALA C 184 22.25 27.50 23.33
N VAL C 185 21.61 28.36 22.53
CA VAL C 185 21.29 29.73 22.98
C VAL C 185 20.35 29.76 24.18
N ASP C 186 19.37 28.86 24.22
CA ASP C 186 18.48 28.72 25.38
C ASP C 186 19.27 28.25 26.60
N ILE C 187 20.21 27.34 26.38
CA ILE C 187 21.05 26.83 27.47
C ILE C 187 21.93 27.94 28.09
N TRP C 188 22.56 28.75 27.25
CA TRP C 188 23.38 29.85 27.74
C TRP C 188 22.55 30.71 28.70
N SER C 189 21.41 31.19 28.20
CA SER C 189 20.50 32.02 28.99
C SER C 189 20.21 31.37 30.35
N LEU C 190 19.95 30.07 30.33
CA LEU C 190 19.70 29.31 31.56
C LEU C 190 20.93 29.29 32.48
N GLY C 191 22.12 29.13 31.90
CA GLY C 191 23.36 29.24 32.66
C GLY C 191 23.44 30.56 33.39
N CYS C 192 23.15 31.64 32.66
CA CYS C 192 23.12 32.98 33.24
C CYS C 192 22.15 33.07 34.39
N ILE C 193 20.95 32.50 34.19
CA ILE C 193 19.88 32.53 35.21
C ILE C 193 20.25 31.71 36.44
N PHE C 194 20.88 30.55 36.22
CA PHE C 194 21.42 29.73 37.30
C PHE C 194 22.33 30.61 38.18
N ALA C 195 23.37 31.18 37.57
CA ALA C 195 24.30 32.07 38.29
C ALA C 195 23.59 33.20 39.03
N GLU C 196 22.59 33.79 38.37
CA GLU C 196 21.80 34.88 38.96
C GLU C 196 20.98 34.40 40.15
N MET C 197 20.50 33.17 40.11
CA MET C 197 19.74 32.63 41.24
C MET C 197 20.62 32.50 42.49
N VAL C 198 21.89 32.21 42.28
CA VAL C 198 22.84 32.06 43.37
C VAL C 198 23.18 33.41 44.03
N THR C 199 23.56 34.40 43.22
CA THR C 199 24.03 35.71 43.73
C THR C 199 22.96 36.80 43.79
N ARG C 200 21.75 36.47 43.34
CA ARG C 200 20.62 37.41 43.21
C ARG C 200 20.95 38.70 42.46
N ARG C 201 21.98 38.64 41.61
CA ARG C 201 22.26 39.72 40.67
C ARG C 201 22.80 39.15 39.36
N ALA C 202 22.51 39.86 38.27
CA ALA C 202 22.85 39.44 36.92
C ALA C 202 24.33 39.13 36.73
N LEU C 203 24.60 38.09 35.94
CA LEU C 203 25.95 37.65 35.67
C LEU C 203 26.69 38.58 34.70
N PHE C 204 26.07 38.87 33.57
CA PHE C 204 26.65 39.77 32.59
C PHE C 204 25.70 40.93 32.25
N PRO C 205 25.70 41.99 33.05
CA PRO C 205 24.80 43.13 32.82
C PRO C 205 25.41 44.22 31.91
N GLY C 206 25.69 43.86 30.66
CA GLY C 206 26.22 44.79 29.69
C GLY C 206 25.25 45.89 29.32
N ASP C 207 25.79 47.03 28.87
CA ASP C 207 24.96 48.13 28.40
C ASP C 207 24.91 48.18 26.87
N SER C 208 25.72 47.34 26.22
CA SER C 208 25.78 47.31 24.76
C SER C 208 26.37 46.00 24.27
N GLU C 209 26.31 45.78 22.96
CA GLU C 209 26.85 44.57 22.36
C GLU C 209 28.33 44.32 22.71
N ILE C 210 29.17 45.34 22.51
CA ILE C 210 30.61 45.22 22.80
C ILE C 210 30.89 44.99 24.28
N ASP C 211 30.17 45.72 25.14
CA ASP C 211 30.31 45.65 26.59
C ASP C 211 29.86 44.29 27.13
N GLN C 212 28.78 43.77 26.55
CA GLN C 212 28.27 42.45 26.88
C GLN C 212 29.37 41.41 26.60
N LEU C 213 29.95 41.47 25.40
CA LEU C 213 31.02 40.56 25.02
C LEU C 213 32.20 40.67 25.98
N PHE C 214 32.62 41.90 26.22
CA PHE C 214 33.75 42.17 27.11
C PHE C 214 33.53 41.55 28.50
N ARG C 215 32.33 41.74 29.05
CA ARG C 215 31.98 41.17 30.37
C ARG C 215 31.99 39.65 30.39
N ILE C 216 31.64 39.05 29.27
CA ILE C 216 31.64 37.60 29.15
C ILE C 216 33.10 37.12 29.12
N PHE C 217 33.91 37.70 28.27
CA PHE C 217 35.35 37.39 28.24
C PHE C 217 36.05 37.66 29.60
N ARG C 218 35.52 38.60 30.37
CA ARG C 218 35.98 38.90 31.74
C ARG C 218 36.02 37.66 32.61
N THR C 219 34.84 37.08 32.75
CA THR C 219 34.57 36.01 33.70
C THR C 219 35.05 34.68 33.13
N LEU C 220 34.85 34.49 31.83
CA LEU C 220 35.08 33.19 31.22
C LEU C 220 36.41 33.09 30.46
N GLY C 221 37.10 34.21 30.34
CA GLY C 221 38.39 34.23 29.69
C GLY C 221 38.25 34.22 28.19
N THR C 222 38.70 35.30 27.56
CA THR C 222 38.76 35.45 26.10
C THR C 222 38.96 34.11 25.38
N PRO C 223 38.02 33.78 24.49
CA PRO C 223 38.03 32.47 23.82
C PRO C 223 38.93 32.41 22.58
N ASP C 224 39.78 31.38 22.52
CA ASP C 224 40.63 31.13 21.36
C ASP C 224 40.26 29.82 20.66
N GLU C 225 40.95 29.50 19.58
CA GLU C 225 40.65 28.34 18.73
C GLU C 225 40.74 26.98 19.42
N VAL C 226 41.48 26.91 20.52
CA VAL C 226 41.60 25.67 21.31
C VAL C 226 40.33 25.43 22.13
N VAL C 227 39.89 26.45 22.86
CA VAL C 227 38.68 26.35 23.69
C VAL C 227 37.39 26.37 22.85
N TRP C 228 37.43 27.03 21.69
CA TRP C 228 36.28 27.10 20.77
C TRP C 228 36.77 27.14 19.31
N PRO C 229 36.91 25.97 18.68
CA PRO C 229 37.29 25.90 17.26
C PRO C 229 36.32 26.67 16.34
N GLY C 230 36.78 27.84 15.89
CA GLY C 230 36.03 28.65 14.93
C GLY C 230 35.74 30.09 15.33
N VAL C 231 36.11 30.49 16.54
CA VAL C 231 35.81 31.85 17.03
C VAL C 231 36.28 32.96 16.09
N THR C 232 37.54 32.90 15.68
CA THR C 232 38.17 33.94 14.86
C THR C 232 37.43 34.21 13.54
N SER C 233 36.90 33.15 12.94
CA SER C 233 36.23 33.23 11.64
C SER C 233 34.72 33.55 11.74
N MET C 234 34.34 34.25 12.81
CA MET C 234 32.99 34.78 12.96
C MET C 234 32.95 36.26 12.57
N PRO C 235 31.88 36.68 11.90
CA PRO C 235 31.85 37.99 11.21
C PRO C 235 31.94 39.23 12.10
N ASP C 236 31.80 39.07 13.42
CA ASP C 236 31.90 40.19 14.35
C ASP C 236 33.07 40.04 15.34
N TYR C 237 33.85 38.98 15.15
CA TYR C 237 35.08 38.77 15.90
C TYR C 237 36.16 39.76 15.45
N LYS C 238 36.77 40.43 16.42
CA LYS C 238 37.89 41.33 16.17
C LYS C 238 39.15 40.81 16.87
N PRO C 239 40.28 40.76 16.16
CA PRO C 239 41.53 40.25 16.74
C PRO C 239 42.01 41.08 17.93
N SER C 240 41.60 42.35 17.98
CA SER C 240 42.04 43.32 18.99
C SER C 240 41.48 43.12 20.40
N PHE C 241 40.62 42.13 20.60
CA PHE C 241 40.11 41.81 21.93
C PHE C 241 41.27 41.32 22.80
N PRO C 242 41.47 41.93 23.98
CA PRO C 242 42.63 41.63 24.81
C PRO C 242 42.59 40.24 25.44
N LYS C 243 43.76 39.67 25.69
CA LYS C 243 43.92 38.31 26.19
C LYS C 243 43.76 38.27 27.71
N TRP C 244 42.52 38.07 28.16
CA TRP C 244 42.20 38.03 29.58
C TRP C 244 42.04 36.60 30.07
N ALA C 245 42.67 36.31 31.21
CA ALA C 245 42.59 34.99 31.83
C ALA C 245 41.22 34.74 32.47
N ARG C 246 40.79 33.48 32.45
CA ARG C 246 39.54 33.03 33.05
C ARG C 246 39.65 32.99 34.58
N GLN C 247 38.70 33.62 35.27
CA GLN C 247 38.59 33.48 36.72
C GLN C 247 38.07 32.08 37.06
N ASP C 248 38.44 31.58 38.23
CA ASP C 248 37.91 30.31 38.70
C ASP C 248 36.51 30.51 39.30
N PHE C 249 35.67 29.49 39.16
CA PHE C 249 34.24 29.62 39.44
C PHE C 249 33.88 29.81 40.92
N SER C 250 34.84 29.56 41.81
CA SER C 250 34.66 29.88 43.23
C SER C 250 34.78 31.40 43.47
N LYS C 251 35.18 32.12 42.42
CA LYS C 251 35.15 33.58 42.41
C LYS C 251 33.98 34.08 41.54
N VAL C 252 33.73 33.41 40.41
CA VAL C 252 32.55 33.66 39.58
C VAL C 252 31.29 33.77 40.44
N VAL C 253 31.05 32.72 41.24
CA VAL C 253 29.84 32.57 42.03
C VAL C 253 30.22 31.89 43.37
N PRO C 254 30.48 32.71 44.39
CA PRO C 254 30.99 32.22 45.69
C PRO C 254 30.28 31.03 46.35
N PRO C 255 28.96 31.04 46.61
CA PRO C 255 28.34 30.03 47.47
C PRO C 255 28.08 28.65 46.84
N LEU C 256 28.55 28.44 45.61
CA LEU C 256 28.30 27.19 44.89
C LEU C 256 29.32 26.10 45.19
N ASP C 257 28.85 24.85 45.24
CA ASP C 257 29.71 23.67 45.47
C ASP C 257 30.47 23.22 44.21
N GLU C 258 31.18 22.10 44.30
CA GLU C 258 31.97 21.59 43.17
C GLU C 258 31.14 21.16 41.95
N ASP C 259 29.97 20.55 42.20
CA ASP C 259 29.09 20.07 41.14
C ASP C 259 28.38 21.22 40.42
N GLY C 260 27.76 22.12 41.20
CA GLY C 260 27.12 23.30 40.67
C GLY C 260 28.04 24.07 39.74
N ARG C 261 29.22 24.40 40.24
CA ARG C 261 30.25 25.08 39.46
C ARG C 261 30.61 24.32 38.17
N SER C 262 30.63 22.99 38.26
CA SER C 262 30.95 22.14 37.11
C SER C 262 29.88 22.25 36.01
N LEU C 263 28.61 22.04 36.39
CA LEU C 263 27.50 22.14 35.45
C LEU C 263 27.34 23.56 34.89
N LEU C 264 27.45 24.58 35.74
CA LEU C 264 27.35 25.97 35.28
C LEU C 264 28.33 26.26 34.16
N SER C 265 29.57 25.79 34.32
CA SER C 265 30.63 25.99 33.34
C SER C 265 30.33 25.24 32.06
N GLN C 266 29.68 24.07 32.19
CA GLN C 266 29.28 23.28 31.02
C GLN C 266 28.14 24.00 30.28
N MET C 267 27.29 24.67 31.06
CA MET C 267 26.18 25.47 30.53
C MET C 267 26.66 26.77 29.90
N LEU C 268 27.79 27.26 30.37
CA LEU C 268 28.33 28.54 29.87
C LEU C 268 29.56 28.30 29.01
N HIS C 269 29.61 27.13 28.38
CA HIS C 269 30.68 26.78 27.44
C HIS C 269 30.57 27.65 26.21
N TYR C 270 31.70 28.20 25.78
CA TYR C 270 31.77 29.10 24.62
C TYR C 270 31.28 28.43 23.34
N ASP C 271 31.84 27.27 23.04
CA ASP C 271 31.50 26.49 21.85
C ASP C 271 30.07 25.96 21.99
N PRO C 272 29.18 26.37 21.08
CA PRO C 272 27.78 25.93 21.11
C PRO C 272 27.61 24.40 20.97
N ASN C 273 28.47 23.75 20.19
CA ASN C 273 28.45 22.29 20.07
C ASN C 273 28.86 21.59 21.37
N LYS C 274 29.80 22.20 22.10
CA LYS C 274 30.32 21.63 23.34
C LYS C 274 29.46 21.97 24.57
N ARG C 275 28.59 22.97 24.43
CA ARG C 275 27.68 23.36 25.49
C ARG C 275 26.69 22.24 25.76
N ILE C 276 26.47 21.93 27.04
CA ILE C 276 25.60 20.86 27.45
C ILE C 276 24.17 21.03 26.90
N SER C 277 23.54 19.92 26.55
CA SER C 277 22.10 19.93 26.24
C SER C 277 21.29 19.92 27.54
N ALA C 278 20.06 20.41 27.47
CA ALA C 278 19.15 20.35 28.60
C ALA C 278 18.94 18.90 29.07
N LYS C 279 18.84 17.99 28.10
CA LYS C 279 18.68 16.56 28.36
C LYS C 279 19.86 15.98 29.12
N ALA C 280 21.07 16.20 28.59
CA ALA C 280 22.31 15.77 29.21
C ALA C 280 22.47 16.34 30.62
N ALA C 281 22.10 17.61 30.79
CA ALA C 281 22.25 18.31 32.06
C ALA C 281 21.32 17.79 33.15
N LEU C 282 20.24 17.12 32.76
CA LEU C 282 19.29 16.55 33.72
C LEU C 282 19.89 15.31 34.41
N ALA C 283 20.88 14.70 33.76
CA ALA C 283 21.61 13.55 34.30
C ALA C 283 22.74 13.96 35.27
N HIS C 284 23.07 15.25 35.32
CA HIS C 284 24.20 15.75 36.10
C HIS C 284 24.11 15.45 37.61
N PRO C 285 25.25 15.06 38.22
CA PRO C 285 25.31 14.78 39.66
C PRO C 285 25.00 15.95 40.59
N PHE C 286 24.92 17.17 40.05
CA PHE C 286 24.45 18.31 40.83
C PHE C 286 23.03 18.02 41.33
N PHE C 287 22.28 17.27 40.52
CA PHE C 287 20.86 17.00 40.77
C PHE C 287 20.58 15.71 41.55
N GLN C 288 21.62 14.92 41.84
CA GLN C 288 21.47 13.64 42.53
C GLN C 288 20.52 13.67 43.75
N ASP C 289 20.50 14.80 44.47
CA ASP C 289 19.71 14.93 45.70
C ASP C 289 18.63 16.02 45.64
N VAL C 290 18.14 16.31 44.43
CA VAL C 290 17.14 17.34 44.21
C VAL C 290 15.80 17.00 44.85
N THR C 291 15.25 17.94 45.62
CA THR C 291 13.91 17.82 46.19
C THR C 291 12.98 18.87 45.57
N LYS C 292 11.79 19.03 46.14
CA LYS C 292 10.85 20.07 45.69
C LYS C 292 10.35 20.92 46.87
N PRO C 293 11.16 21.86 47.32
CA PRO C 293 10.79 22.76 48.43
C PRO C 293 9.74 23.82 48.06
N VAL C 294 9.09 24.36 49.09
CA VAL C 294 8.17 25.49 48.94
C VAL C 294 8.93 26.79 49.27
N PRO C 295 8.84 27.79 48.40
CA PRO C 295 9.51 29.09 48.62
C PRO C 295 8.83 29.94 49.69
N HIS C 296 9.62 30.78 50.35
CA HIS C 296 9.12 31.76 51.33
C HIS C 296 8.46 32.91 50.58
N LEU C 297 7.17 32.77 50.31
CA LEU C 297 6.39 33.78 49.60
C LEU C 297 5.39 34.46 50.53
N VAL D 1 21.21 20.46 19.16
CA VAL D 1 22.02 19.24 19.43
C VAL D 1 21.42 17.99 18.75
N PRO D 2 22.25 17.25 18.01
CA PRO D 2 21.89 15.90 17.54
C PRO D 2 21.51 14.92 18.66
N ASP D 3 21.59 15.37 19.90
CA ASP D 3 21.01 14.65 21.05
C ASP D 3 19.47 14.65 20.96
N TYR D 4 18.93 15.56 20.13
CA TYR D 4 17.49 15.69 19.92
C TYR D 4 17.02 15.24 18.54
N HIS D 5 17.95 15.08 17.60
CA HIS D 5 17.63 14.72 16.21
C HIS D 5 16.60 13.60 16.08
N GLU D 6 16.69 12.60 16.96
CA GLU D 6 15.80 11.45 16.92
C GLU D 6 14.46 11.73 17.57
N ASP D 7 14.50 12.42 18.70
CA ASP D 7 13.31 12.83 19.44
C ASP D 7 12.40 13.71 18.58
N ILE D 8 13.02 14.63 17.84
CA ILE D 8 12.30 15.51 16.92
C ILE D 8 11.72 14.68 15.78
N HIS D 9 12.55 13.82 15.20
CA HIS D 9 12.07 12.90 14.17
C HIS D 9 10.83 12.12 14.58
N THR D 10 10.88 11.50 15.75
CA THR D 10 9.78 10.74 16.30
C THR D 10 8.55 11.61 16.59
N TYR D 11 8.79 12.86 16.96
CA TYR D 11 7.69 13.80 17.22
C TYR D 11 6.94 14.14 15.93
N LEU D 12 7.69 14.49 14.89
CA LEU D 12 7.11 14.89 13.61
C LEU D 12 6.33 13.75 12.97
N ARG D 13 6.76 12.51 13.21
CA ARG D 13 6.08 11.34 12.66
C ARG D 13 4.72 11.19 13.30
N GLU D 14 4.66 11.36 14.62
CA GLU D 14 3.40 11.49 15.35
C GLU D 14 2.57 12.65 14.79
N MET D 15 3.18 13.80 14.63
CA MET D 15 2.47 15.01 14.21
C MET D 15 1.95 15.00 12.77
N GLU D 16 2.66 14.35 11.86
CA GLU D 16 2.28 14.35 10.43
C GLU D 16 1.01 13.54 10.13
N VAL D 17 0.65 12.64 11.05
CA VAL D 17 -0.60 11.89 10.97
C VAL D 17 -1.76 12.81 11.39
N LYS D 18 -1.54 13.57 12.45
CA LYS D 18 -2.57 14.43 13.03
C LYS D 18 -2.85 15.68 12.17
N CYS D 19 -1.88 16.09 11.36
CA CYS D 19 -2.02 17.28 10.51
C CYS D 19 -2.36 16.95 9.06
N LYS D 20 -2.82 15.73 8.81
CA LYS D 20 -3.06 15.25 7.45
C LYS D 20 -4.47 15.59 6.96
N PRO D 21 -4.58 16.20 5.77
CA PRO D 21 -5.89 16.45 5.17
C PRO D 21 -6.55 15.15 4.78
N LYS D 22 -7.87 15.14 4.60
CA LYS D 22 -8.55 13.95 4.10
C LYS D 22 -8.22 13.72 2.63
N VAL D 23 -8.00 12.46 2.28
CA VAL D 23 -7.59 12.07 0.93
C VAL D 23 -8.72 12.31 -0.07
N GLY D 24 -9.95 12.12 0.38
CA GLY D 24 -11.08 12.24 -0.51
C GLY D 24 -11.61 13.64 -0.78
N TYR D 25 -11.07 14.65 -0.09
CA TYR D 25 -11.72 15.97 -0.01
C TYR D 25 -12.30 16.60 -1.27
N MET D 26 -11.57 16.50 -2.39
CA MET D 26 -12.01 17.13 -3.65
C MET D 26 -13.35 16.57 -4.14
N LYS D 27 -13.57 15.29 -3.88
CA LYS D 27 -14.82 14.59 -4.16
C LYS D 27 -16.01 15.28 -3.47
N LYS D 28 -15.78 15.82 -2.28
CA LYS D 28 -16.82 16.48 -1.50
C LYS D 28 -16.95 17.99 -1.75
N GLN D 29 -16.07 18.55 -2.60
CA GLN D 29 -16.17 19.96 -2.99
C GLN D 29 -16.93 20.08 -4.30
N PRO D 30 -18.16 20.60 -4.27
CA PRO D 30 -18.98 20.70 -5.48
C PRO D 30 -18.36 21.59 -6.55
N ASP D 31 -17.87 22.76 -6.16
CA ASP D 31 -17.46 23.78 -7.12
C ASP D 31 -15.99 23.74 -7.54
N ILE D 32 -15.14 23.06 -6.79
CA ILE D 32 -13.71 23.04 -7.09
C ILE D 32 -13.17 21.64 -7.38
N THR D 33 -12.10 21.58 -8.18
CA THR D 33 -11.51 20.32 -8.62
C THR D 33 -10.02 20.25 -8.31
N ASN D 34 -9.43 19.08 -8.57
CA ASN D 34 -7.99 18.86 -8.43
C ASN D 34 -7.14 19.73 -9.37
N SER D 35 -7.72 20.10 -10.51
CA SER D 35 -7.05 20.89 -11.53
C SER D 35 -6.96 22.35 -11.08
N MET D 36 -8.06 22.82 -10.48
CA MET D 36 -8.13 24.16 -9.89
C MET D 36 -7.09 24.29 -8.78
N ARG D 37 -7.00 23.24 -7.97
CA ARG D 37 -6.02 23.15 -6.91
C ARG D 37 -4.60 23.22 -7.46
N ALA D 38 -4.36 22.55 -8.59
CA ALA D 38 -3.05 22.50 -9.22
C ALA D 38 -2.63 23.87 -9.73
N ILE D 39 -3.58 24.60 -10.31
CA ILE D 39 -3.35 26.00 -10.70
C ILE D 39 -2.91 26.84 -9.49
N LEU D 40 -3.68 26.73 -8.40
CA LEU D 40 -3.44 27.52 -7.20
C LEU D 40 -2.04 27.29 -6.66
N VAL D 41 -1.68 26.02 -6.49
CA VAL D 41 -0.36 25.64 -6.00
C VAL D 41 0.76 26.18 -6.92
N ASP D 42 0.56 26.07 -8.23
CA ASP D 42 1.53 26.59 -9.18
C ASP D 42 1.70 28.11 -9.05
N TRP D 43 0.58 28.82 -8.91
CA TRP D 43 0.58 30.27 -8.69
C TRP D 43 1.33 30.64 -7.40
N LEU D 44 1.21 29.82 -6.37
CA LEU D 44 1.93 30.02 -5.12
C LEU D 44 3.44 29.76 -5.23
N VAL D 45 3.83 28.86 -6.14
CA VAL D 45 5.24 28.69 -6.47
C VAL D 45 5.75 29.98 -7.12
N GLU D 46 4.97 30.55 -8.04
CA GLU D 46 5.29 31.86 -8.62
C GLU D 46 5.48 32.91 -7.52
N VAL D 47 4.53 32.98 -6.59
CA VAL D 47 4.57 33.97 -5.51
C VAL D 47 5.81 33.75 -4.66
N GLY D 48 6.03 32.51 -4.23
CA GLY D 48 7.23 32.13 -3.51
C GLY D 48 8.53 32.60 -4.16
N GLU D 49 8.60 32.47 -5.48
CA GLU D 49 9.74 32.95 -6.26
C GLU D 49 9.83 34.47 -6.30
N GLU D 50 8.76 35.12 -6.76
CA GLU D 50 8.68 36.58 -6.81
C GLU D 50 9.07 37.28 -5.48
N TYR D 51 8.70 36.68 -4.35
CA TYR D 51 9.02 37.28 -3.06
C TYR D 51 10.16 36.60 -2.30
N LYS D 52 10.85 35.67 -2.97
CA LYS D 52 12.02 34.98 -2.42
C LYS D 52 11.72 34.35 -1.05
N LEU D 53 10.67 33.56 -1.03
CA LEU D 53 10.20 32.94 0.20
C LEU D 53 10.83 31.56 0.34
N GLN D 54 11.11 31.18 1.58
CA GLN D 54 11.61 29.84 1.89
C GLN D 54 10.72 28.78 1.27
N ASN D 55 11.34 27.68 0.86
CA ASN D 55 10.61 26.57 0.26
C ASN D 55 9.64 25.99 1.28
N GLU D 56 10.08 25.95 2.53
CA GLU D 56 9.27 25.47 3.63
C GLU D 56 7.96 26.26 3.80
N THR D 57 8.00 27.56 3.50
CA THR D 57 6.81 28.43 3.52
C THR D 57 5.73 27.92 2.58
N LEU D 58 6.17 27.54 1.40
CA LEU D 58 5.32 26.98 0.37
C LEU D 58 4.66 25.69 0.81
N HIS D 59 5.43 24.83 1.47
CA HIS D 59 4.94 23.52 1.87
C HIS D 59 3.86 23.70 2.94
N LEU D 60 4.14 24.57 3.91
CA LEU D 60 3.17 24.92 4.93
C LEU D 60 1.87 25.43 4.30
N ALA D 61 2.01 26.34 3.35
CA ALA D 61 0.86 27.01 2.75
C ALA D 61 -0.04 25.98 2.08
N VAL D 62 0.56 25.05 1.34
CA VAL D 62 -0.19 23.95 0.73
C VAL D 62 -0.87 23.05 1.78
N ASN D 63 -0.14 22.72 2.86
CA ASN D 63 -0.73 22.01 3.99
C ASN D 63 -2.00 22.70 4.55
N TYR D 64 -1.95 24.01 4.75
CA TYR D 64 -3.09 24.76 5.30
C TYR D 64 -4.27 24.74 4.35
N ILE D 65 -4.01 24.93 3.06
CA ILE D 65 -5.07 24.92 2.06
C ILE D 65 -5.81 23.58 2.08
N ASP D 66 -5.06 22.49 1.99
CA ASP D 66 -5.62 21.14 2.00
C ASP D 66 -6.43 20.84 3.25
N ARG D 67 -5.95 21.27 4.41
CA ARG D 67 -6.72 21.05 5.63
C ARG D 67 -7.96 21.93 5.67
N PHE D 68 -7.83 23.17 5.19
CA PHE D 68 -8.98 24.07 5.14
C PHE D 68 -10.08 23.53 4.24
N LEU D 69 -9.70 23.09 3.05
CA LEU D 69 -10.65 22.54 2.09
C LEU D 69 -11.18 21.15 2.51
N SER D 70 -10.53 20.52 3.48
CA SER D 70 -11.05 19.29 4.11
C SER D 70 -12.17 19.56 5.12
N SER D 71 -12.29 20.80 5.58
CA SER D 71 -13.35 21.15 6.53
C SER D 71 -14.42 22.06 5.95
N MET D 72 -14.05 22.90 4.99
CA MET D 72 -14.98 23.92 4.52
C MET D 72 -15.18 23.81 3.04
N SER D 73 -16.43 23.86 2.62
CA SER D 73 -16.73 23.94 1.21
C SER D 73 -16.45 25.37 0.76
N VAL D 74 -15.81 25.53 -0.40
CA VAL D 74 -15.45 26.84 -0.95
C VAL D 74 -15.79 26.94 -2.42
N LEU D 75 -16.38 28.06 -2.82
CA LEU D 75 -16.70 28.36 -4.21
C LEU D 75 -15.45 28.68 -5.03
N ARG D 76 -15.52 28.40 -6.33
CA ARG D 76 -14.46 28.68 -7.32
C ARG D 76 -13.79 30.06 -7.17
N GLY D 77 -14.60 31.12 -7.15
CA GLY D 77 -14.10 32.48 -7.07
C GLY D 77 -13.40 32.86 -5.77
N LYS D 78 -13.53 32.01 -4.75
CA LYS D 78 -12.96 32.28 -3.43
C LYS D 78 -11.75 31.40 -3.15
N LEU D 79 -11.46 30.48 -4.06
CA LEU D 79 -10.34 29.55 -3.91
C LEU D 79 -9.01 30.29 -3.76
N GLN D 80 -8.80 31.31 -4.59
CA GLN D 80 -7.57 32.07 -4.53
C GLN D 80 -7.45 32.84 -3.22
N LEU D 81 -8.59 33.24 -2.66
CA LEU D 81 -8.62 33.95 -1.40
C LEU D 81 -8.10 33.06 -0.27
N VAL D 82 -8.49 31.79 -0.27
CA VAL D 82 -7.98 30.80 0.71
C VAL D 82 -6.48 30.61 0.56
N GLY D 83 -6.00 30.46 -0.67
CA GLY D 83 -4.58 30.30 -0.95
C GLY D 83 -3.71 31.49 -0.54
N THR D 84 -4.21 32.69 -0.81
CA THR D 84 -3.54 33.94 -0.42
C THR D 84 -3.39 34.08 1.10
N ALA D 85 -4.50 33.87 1.80
CA ALA D 85 -4.47 33.86 3.27
C ALA D 85 -3.58 32.75 3.84
N ALA D 86 -3.54 31.60 3.17
CA ALA D 86 -2.68 30.49 3.60
C ALA D 86 -1.20 30.88 3.49
N MET D 87 -0.85 31.52 2.38
CA MET D 87 0.50 32.00 2.10
C MET D 87 0.90 33.08 3.13
N LEU D 88 0.00 34.03 3.37
CA LEU D 88 0.17 35.04 4.40
C LEU D 88 0.49 34.41 5.76
N LEU D 89 -0.35 33.47 6.20
CA LEU D 89 -0.14 32.78 7.47
C LEU D 89 1.16 32.00 7.49
N ALA D 90 1.47 31.30 6.40
CA ALA D 90 2.73 30.57 6.30
C ALA D 90 3.93 31.48 6.40
N SER D 91 3.86 32.63 5.73
CA SER D 91 4.92 33.62 5.75
C SER D 91 5.14 34.14 7.16
N LYS D 92 4.04 34.50 7.83
CA LYS D 92 4.10 34.91 9.23
C LYS D 92 4.69 33.84 10.16
N PHE D 93 4.42 32.58 9.90
CA PHE D 93 4.95 31.54 10.75
C PHE D 93 6.45 31.37 10.55
N GLU D 94 6.84 31.27 9.28
CA GLU D 94 8.12 30.71 8.89
C GLU D 94 9.22 31.75 8.62
N GLU D 95 8.85 32.86 7.97
CA GLU D 95 9.81 33.84 7.46
C GLU D 95 10.28 34.83 8.51
N ILE D 96 11.55 35.20 8.40
CA ILE D 96 12.13 36.31 9.13
C ILE D 96 11.45 37.63 8.73
N TYR D 97 11.39 37.91 7.43
CA TYR D 97 10.69 39.10 6.91
C TYR D 97 9.57 38.72 5.95
N PRO D 98 8.38 38.40 6.45
CA PRO D 98 7.26 38.06 5.57
C PRO D 98 6.91 39.31 4.75
N PRO D 99 6.38 39.14 3.54
CA PRO D 99 5.84 40.28 2.81
C PRO D 99 4.68 40.81 3.64
N GLU D 100 4.42 42.11 3.59
CA GLU D 100 3.22 42.63 4.23
C GLU D 100 1.96 42.25 3.46
N VAL D 101 0.82 42.44 4.10
CA VAL D 101 -0.50 42.12 3.55
C VAL D 101 -0.78 42.83 2.22
N ALA D 102 -0.37 44.09 2.13
CA ALA D 102 -0.54 44.85 0.90
C ALA D 102 0.15 44.14 -0.25
N GLU D 103 1.34 43.59 0.01
CA GLU D 103 2.05 42.75 -0.98
C GLU D 103 1.17 41.57 -1.41
N PHE D 104 0.47 40.94 -0.45
CA PHE D 104 -0.45 39.82 -0.75
C PHE D 104 -1.71 40.23 -1.51
N VAL D 105 -2.29 41.38 -1.15
CA VAL D 105 -3.46 41.90 -1.87
C VAL D 105 -3.07 42.22 -3.31
N TYR D 106 -1.82 42.64 -3.49
CA TYR D 106 -1.29 43.01 -4.78
C TYR D 106 -1.26 41.83 -5.75
N ILE D 107 -0.60 40.74 -5.38
CA ILE D 107 -0.45 39.56 -6.26
C ILE D 107 -1.75 38.85 -6.69
N THR D 108 -2.89 39.26 -6.15
CA THR D 108 -4.18 38.65 -6.52
C THR D 108 -4.96 39.44 -7.59
N ASP D 109 -4.25 40.28 -8.35
CA ASP D 109 -4.82 41.10 -9.44
C ASP D 109 -5.85 42.12 -8.93
N ASP D 110 -5.86 42.32 -7.60
CA ASP D 110 -6.87 43.14 -6.94
C ASP D 110 -8.31 42.64 -7.18
N THR D 111 -8.43 41.32 -7.35
CA THR D 111 -9.71 40.61 -7.31
C THR D 111 -10.37 40.80 -5.93
N TYR D 112 -9.53 40.79 -4.89
CA TYR D 112 -10.01 40.86 -3.52
C TYR D 112 -9.54 42.13 -2.81
N THR D 113 -10.30 42.54 -1.79
CA THR D 113 -9.95 43.71 -0.99
C THR D 113 -9.06 43.29 0.17
N LYS D 114 -8.21 44.20 0.63
CA LYS D 114 -7.42 43.96 1.83
C LYS D 114 -8.25 43.36 2.96
N LYS D 115 -9.49 43.83 3.10
CA LYS D 115 -10.37 43.37 4.17
C LYS D 115 -10.76 41.91 4.01
N GLN D 116 -10.98 41.47 2.77
CA GLN D 116 -11.30 40.07 2.50
C GLN D 116 -10.13 39.18 2.90
N VAL D 117 -8.92 39.59 2.50
CA VAL D 117 -7.71 38.83 2.82
C VAL D 117 -7.56 38.66 4.33
N LEU D 118 -7.71 39.76 5.05
CA LEU D 118 -7.55 39.77 6.49
C LEU D 118 -8.60 38.92 7.22
N ARG D 119 -9.83 39.01 6.75
CA ARG D 119 -10.89 38.22 7.33
C ARG D 119 -10.68 36.72 7.04
N MET D 120 -10.17 36.39 5.85
CA MET D 120 -9.85 35.01 5.50
C MET D 120 -8.67 34.48 6.29
N GLU D 121 -7.66 35.32 6.53
CA GLU D 121 -6.59 34.93 7.46
C GLU D 121 -7.21 34.43 8.76
N HIS D 122 -8.11 35.22 9.35
CA HIS D 122 -8.76 34.87 10.60
C HIS D 122 -9.62 33.59 10.52
N LEU D 123 -10.41 33.46 9.46
CA LEU D 123 -11.22 32.25 9.27
C LEU D 123 -10.35 31.00 9.15
N VAL D 124 -9.25 31.08 8.40
CA VAL D 124 -8.30 29.98 8.28
C VAL D 124 -7.70 29.52 9.63
N LEU D 125 -7.27 30.47 10.45
CA LEU D 125 -6.76 30.16 11.79
C LEU D 125 -7.80 29.42 12.65
N LYS D 126 -9.07 29.84 12.55
CA LYS D 126 -10.15 29.20 13.32
C LYS D 126 -10.48 27.79 12.82
N VAL D 127 -10.47 27.62 11.50
CA VAL D 127 -10.70 26.31 10.89
C VAL D 127 -9.59 25.33 11.25
N LEU D 128 -8.35 25.81 11.29
CA LEU D 128 -7.20 24.99 11.64
C LEU D 128 -6.95 24.95 13.13
N THR D 129 -7.84 25.59 13.89
CA THR D 129 -7.69 25.77 15.34
C THR D 129 -6.25 26.13 15.71
N PHE D 130 -5.65 27.02 14.90
CA PHE D 130 -4.30 27.54 15.16
C PHE D 130 -3.18 26.49 15.11
N ASP D 131 -3.47 25.30 14.56
CA ASP D 131 -2.42 24.28 14.45
C ASP D 131 -1.60 24.49 13.19
N LEU D 132 -0.53 25.27 13.32
CA LEU D 132 0.19 25.73 12.14
C LEU D 132 1.55 25.05 11.98
N ALA D 133 2.05 24.45 13.06
CA ALA D 133 3.37 23.84 13.07
C ALA D 133 3.39 22.47 12.38
N ALA D 134 2.87 22.43 11.15
CA ALA D 134 2.71 21.18 10.42
C ALA D 134 4.04 20.66 9.87
N PRO D 135 4.28 19.35 10.04
CA PRO D 135 5.46 18.73 9.42
C PRO D 135 5.24 18.68 7.92
N THR D 136 6.31 18.90 7.18
CA THR D 136 6.27 18.94 5.73
C THR D 136 7.29 17.98 5.17
N VAL D 137 7.10 17.61 3.91
CA VAL D 137 8.07 16.87 3.12
C VAL D 137 9.47 17.46 3.27
N ASN D 138 9.53 18.79 3.21
CA ASN D 138 10.77 19.56 3.31
C ASN D 138 11.47 19.36 4.65
N GLN D 139 10.69 19.29 5.73
CA GLN D 139 11.23 19.10 7.07
C GLN D 139 11.83 17.71 7.23
N PHE D 140 11.22 16.76 6.54
CA PHE D 140 11.72 15.38 6.53
C PHE D 140 12.96 15.24 5.64
N LEU D 141 12.90 15.79 4.42
CA LEU D 141 14.03 15.74 3.47
C LEU D 141 15.29 16.28 4.11
N THR D 142 15.16 17.40 4.81
CA THR D 142 16.25 18.10 5.46
C THR D 142 16.93 17.19 6.50
N GLN D 143 16.13 16.37 7.17
CA GLN D 143 16.62 15.38 8.13
C GLN D 143 17.33 14.24 7.42
N TYR D 144 16.92 13.96 6.19
CA TYR D 144 17.47 12.84 5.43
C TYR D 144 18.83 13.19 4.84
N PHE D 145 18.97 14.42 4.35
CA PHE D 145 20.23 14.91 3.76
C PHE D 145 21.42 14.70 4.68
N LEU D 146 21.18 14.74 5.99
CA LEU D 146 22.21 14.49 7.00
C LEU D 146 22.75 13.05 6.97
N HIS D 147 22.03 12.16 6.28
CA HIS D 147 22.45 10.77 6.15
C HIS D 147 23.20 10.52 4.83
N GLN D 148 23.56 11.61 4.14
CA GLN D 148 24.45 11.55 2.99
C GLN D 148 25.87 11.44 3.52
N GLN D 149 26.65 10.54 2.92
CA GLN D 149 28.05 10.36 3.34
C GLN D 149 28.92 11.50 2.79
N PRO D 150 29.05 11.62 1.46
CA PRO D 150 29.45 12.89 0.87
C PRO D 150 28.20 13.73 0.58
N ALA D 151 28.13 14.94 1.13
CA ALA D 151 26.98 15.82 0.95
C ALA D 151 26.94 16.38 -0.47
N ASN D 152 26.07 15.82 -1.30
CA ASN D 152 25.92 16.26 -2.69
C ASN D 152 24.82 17.29 -2.81
N CYS D 153 25.18 18.47 -3.32
CA CYS D 153 24.25 19.59 -3.43
C CYS D 153 23.24 19.44 -4.58
N LYS D 154 23.59 18.64 -5.58
CA LYS D 154 22.69 18.39 -6.73
C LYS D 154 21.62 17.36 -6.39
N VAL D 155 21.98 16.40 -5.54
CA VAL D 155 21.03 15.42 -5.03
C VAL D 155 19.97 16.14 -4.18
N GLU D 156 20.44 16.95 -3.22
CA GLU D 156 19.59 17.74 -2.34
C GLU D 156 18.59 18.57 -3.14
N SER D 157 19.10 19.32 -4.11
CA SER D 157 18.26 20.17 -4.95
C SER D 157 17.18 19.37 -5.67
N LEU D 158 17.57 18.27 -6.29
CA LEU D 158 16.63 17.46 -7.06
C LEU D 158 15.54 16.87 -6.17
N ALA D 159 15.94 16.35 -5.02
CA ALA D 159 15.01 15.88 -4.00
C ALA D 159 13.98 16.96 -3.65
N MET D 160 14.47 18.19 -3.44
CA MET D 160 13.61 19.36 -3.21
C MET D 160 12.64 19.57 -4.37
N PHE D 161 13.14 19.53 -5.61
CA PHE D 161 12.30 19.66 -6.81
C PHE D 161 11.20 18.60 -6.92
N LEU D 162 11.52 17.36 -6.54
CA LEU D 162 10.55 16.26 -6.61
C LEU D 162 9.47 16.38 -5.54
N GLY D 163 9.89 16.60 -4.29
CA GLY D 163 8.97 16.82 -3.18
C GLY D 163 8.03 17.98 -3.45
N GLU D 164 8.59 19.04 -4.04
CA GLU D 164 7.85 20.22 -4.46
C GLU D 164 6.91 19.92 -5.65
N LEU D 165 7.27 18.94 -6.47
CA LEU D 165 6.42 18.55 -7.59
C LEU D 165 5.20 17.80 -7.09
N SER D 166 5.34 17.11 -5.96
CA SER D 166 4.23 16.36 -5.39
C SER D 166 3.10 17.24 -4.84
N LEU D 167 3.39 18.51 -4.61
CA LEU D 167 2.39 19.47 -4.08
C LEU D 167 1.31 19.82 -5.09
N ILE D 168 1.66 19.81 -6.37
CA ILE D 168 0.74 20.23 -7.44
C ILE D 168 -0.42 19.26 -7.62
N ASP D 169 -0.15 17.96 -7.50
CA ASP D 169 -1.14 16.94 -7.84
C ASP D 169 -1.66 16.19 -6.62
N ALA D 170 -2.88 16.57 -6.22
CA ALA D 170 -3.54 15.95 -5.09
C ALA D 170 -3.79 14.46 -5.34
N ASP D 171 -3.97 14.12 -6.62
CA ASP D 171 -4.39 12.80 -7.04
C ASP D 171 -3.62 11.69 -6.31
N PRO D 172 -2.36 11.45 -6.65
CA PRO D 172 -1.60 10.43 -5.92
C PRO D 172 -1.23 10.91 -4.51
N TYR D 173 -0.80 12.16 -4.40
CA TYR D 173 0.04 12.56 -3.27
C TYR D 173 -0.65 12.88 -1.95
N LEU D 174 -1.93 13.22 -2.01
CA LEU D 174 -2.72 13.36 -0.78
C LEU D 174 -2.74 12.04 0.03
N LYS D 175 -2.59 10.91 -0.65
CA LYS D 175 -2.59 9.59 -0.02
C LYS D 175 -1.34 9.33 0.84
N TYR D 176 -0.23 9.99 0.50
CA TYR D 176 1.04 9.71 1.17
C TYR D 176 1.40 10.74 2.23
N LEU D 177 1.94 10.23 3.34
CA LEU D 177 2.49 11.08 4.39
C LEU D 177 3.75 11.79 3.90
N PRO D 178 3.93 13.06 4.32
CA PRO D 178 5.14 13.83 4.00
C PRO D 178 6.45 13.05 4.12
N SER D 179 6.61 12.25 5.18
CA SER D 179 7.84 11.51 5.45
C SER D 179 8.11 10.40 4.45
N VAL D 180 7.03 9.82 3.92
CA VAL D 180 7.09 8.84 2.85
C VAL D 180 7.53 9.50 1.56
N ILE D 181 6.86 10.58 1.15
CA ILE D 181 7.25 11.29 -0.07
C ILE D 181 8.69 11.79 0.01
N ALA D 182 9.09 12.27 1.19
CA ALA D 182 10.47 12.68 1.45
C ALA D 182 11.42 11.52 1.22
N GLY D 183 11.02 10.33 1.67
CA GLY D 183 11.77 9.11 1.44
C GLY D 183 11.87 8.78 -0.03
N ALA D 184 10.73 8.77 -0.72
CA ALA D 184 10.69 8.46 -2.15
C ALA D 184 11.48 9.46 -2.99
N ALA D 185 11.37 10.75 -2.67
CA ALA D 185 12.09 11.80 -3.38
C ALA D 185 13.58 11.84 -3.05
N PHE D 186 13.96 11.33 -1.89
CA PHE D 186 15.37 11.23 -1.52
C PHE D 186 16.03 10.05 -2.21
N HIS D 187 15.28 8.97 -2.36
CA HIS D 187 15.79 7.81 -3.09
C HIS D 187 15.92 8.16 -4.56
N LEU D 188 14.88 8.79 -5.11
CA LEU D 188 14.82 9.08 -6.54
C LEU D 188 15.87 10.09 -6.99
N ALA D 189 16.33 10.94 -6.07
CA ALA D 189 17.34 11.93 -6.41
C ALA D 189 18.75 11.40 -6.17
N LEU D 190 18.85 10.42 -5.27
CA LEU D 190 20.10 9.70 -5.06
C LEU D 190 20.40 8.87 -6.29
N TYR D 191 19.42 8.05 -6.70
CA TYR D 191 19.55 7.16 -7.85
C TYR D 191 19.75 7.91 -9.17
N THR D 192 18.96 8.95 -9.41
CA THR D 192 19.08 9.72 -10.65
C THR D 192 20.52 10.21 -10.89
N VAL D 193 21.06 10.95 -9.92
CA VAL D 193 22.36 11.60 -10.07
C VAL D 193 23.54 10.67 -9.78
N THR D 194 23.46 9.91 -8.69
CA THR D 194 24.61 9.12 -8.21
C THR D 194 24.47 7.59 -8.38
N GLY D 195 23.34 7.14 -8.92
CA GLY D 195 23.07 5.71 -9.08
C GLY D 195 22.95 4.96 -7.77
N GLN D 196 22.57 5.69 -6.72
CA GLN D 196 22.61 5.18 -5.35
C GLN D 196 21.22 4.90 -4.77
N SER D 197 21.18 4.20 -3.64
CA SER D 197 19.90 3.77 -3.07
C SER D 197 19.70 4.14 -1.60
N TRP D 198 18.44 4.36 -1.24
CA TRP D 198 17.96 4.52 0.14
C TRP D 198 18.87 3.86 1.20
N PRO D 199 19.76 4.63 1.82
CA PRO D 199 20.78 4.10 2.74
C PRO D 199 20.24 3.32 3.93
N GLU D 200 21.08 2.41 4.44
CA GLU D 200 20.74 1.56 5.57
C GLU D 200 20.45 2.38 6.83
N SER D 201 21.27 3.41 7.05
CA SER D 201 21.10 4.35 8.17
C SER D 201 19.69 4.94 8.26
N LEU D 202 19.12 5.29 7.10
CA LEU D 202 17.78 5.85 7.03
C LEU D 202 16.69 4.81 7.33
N ILE D 203 16.89 3.59 6.84
CA ILE D 203 15.98 2.47 7.11
C ILE D 203 15.85 2.26 8.61
N ARG D 204 16.97 2.42 9.33
CA ARG D 204 17.00 2.27 10.78
C ARG D 204 16.27 3.41 11.50
N LYS D 205 16.40 4.62 10.94
CA LYS D 205 15.78 5.82 11.51
C LYS D 205 14.27 5.84 11.27
N THR D 206 13.88 5.70 10.01
CA THR D 206 12.48 5.84 9.60
C THR D 206 11.69 4.55 9.73
N GLY D 207 12.37 3.42 9.59
CA GLY D 207 11.70 2.13 9.57
C GLY D 207 11.06 1.85 8.20
N TYR D 208 11.33 2.72 7.24
CA TYR D 208 10.87 2.54 5.87
C TYR D 208 11.94 1.79 5.08
N THR D 209 11.58 0.63 4.54
CA THR D 209 12.45 -0.07 3.61
C THR D 209 12.02 0.32 2.19
N LEU D 210 12.78 -0.11 1.20
CA LEU D 210 12.54 0.26 -0.19
C LEU D 210 11.26 -0.35 -0.79
N GLU D 211 10.82 -1.48 -0.23
CA GLU D 211 9.54 -2.07 -0.60
C GLU D 211 8.39 -1.16 -0.12
N SER D 212 8.49 -0.74 1.14
CA SER D 212 7.50 0.14 1.77
C SER D 212 7.41 1.53 1.10
N LEU D 213 8.51 1.97 0.49
CA LEU D 213 8.55 3.24 -0.23
C LEU D 213 8.07 3.11 -1.67
N LYS D 214 8.00 1.87 -2.15
CA LYS D 214 7.70 1.60 -3.56
C LYS D 214 6.39 2.22 -4.12
N PRO D 215 5.24 2.08 -3.44
CA PRO D 215 3.99 2.63 -3.97
C PRO D 215 4.09 4.14 -4.26
N CYS D 216 4.68 4.91 -3.36
CA CYS D 216 4.92 6.34 -3.61
C CYS D 216 6.02 6.54 -4.65
N LEU D 217 7.01 5.64 -4.63
CA LEU D 217 8.11 5.71 -5.60
C LEU D 217 7.62 5.46 -7.02
N MET D 218 6.73 4.49 -7.18
CA MET D 218 6.12 4.20 -8.48
C MET D 218 5.51 5.50 -9.00
N ASP D 219 4.66 6.10 -8.17
CA ASP D 219 3.97 7.33 -8.50
C ASP D 219 4.89 8.51 -8.83
N LEU D 220 5.88 8.73 -7.96
CA LEU D 220 6.80 9.86 -8.10
C LEU D 220 7.67 9.72 -9.34
N HIS D 221 8.04 8.48 -9.66
CA HIS D 221 8.77 8.19 -10.90
C HIS D 221 7.98 8.71 -12.08
N GLN D 222 6.71 8.35 -12.17
CA GLN D 222 5.84 8.76 -13.27
C GLN D 222 5.71 10.29 -13.38
N THR D 223 5.55 10.96 -12.24
CA THR D 223 5.44 12.42 -12.21
C THR D 223 6.73 13.10 -12.71
N TYR D 224 7.88 12.55 -12.30
CA TYR D 224 9.18 12.99 -12.79
C TYR D 224 9.23 12.87 -14.32
N LEU D 225 8.87 11.69 -14.81
CA LEU D 225 8.83 11.41 -16.26
C LEU D 225 7.99 12.43 -17.02
N LYS D 226 6.77 12.69 -16.54
CA LYS D 226 5.81 13.52 -17.26
C LYS D 226 5.91 15.02 -16.95
N ALA D 227 6.75 15.38 -15.99
CA ALA D 227 6.91 16.78 -15.57
C ALA D 227 7.02 17.82 -16.70
N PRO D 228 7.80 17.55 -17.76
CA PRO D 228 7.87 18.48 -18.90
C PRO D 228 6.56 18.72 -19.65
N GLN D 229 5.62 17.78 -19.57
CA GLN D 229 4.35 17.90 -20.29
C GLN D 229 3.16 18.32 -19.42
N HIS D 230 3.36 18.33 -18.10
CA HIS D 230 2.32 18.79 -17.14
C HIS D 230 1.86 20.21 -17.48
N ALA D 231 0.57 20.48 -17.33
CA ALA D 231 0.02 21.83 -17.54
C ALA D 231 0.69 22.93 -16.69
N GLN D 232 1.30 22.53 -15.57
CA GLN D 232 1.95 23.45 -14.64
C GLN D 232 3.46 23.38 -14.75
N GLN D 233 4.07 24.52 -15.09
CA GLN D 233 5.49 24.59 -15.42
C GLN D 233 6.36 25.35 -14.39
N SER D 234 5.74 26.19 -13.57
CA SER D 234 6.47 27.10 -12.67
C SER D 234 7.55 26.45 -11.79
N ILE D 235 7.28 25.24 -11.31
CA ILE D 235 8.27 24.49 -10.52
C ILE D 235 9.46 24.10 -11.39
N ARG D 236 9.19 23.65 -12.61
CA ARG D 236 10.25 23.33 -13.57
C ARG D 236 11.09 24.59 -13.88
N GLU D 237 10.41 25.70 -14.16
CA GLU D 237 11.08 26.99 -14.39
C GLU D 237 11.89 27.47 -13.18
N LYS D 238 11.39 27.19 -11.97
CA LYS D 238 12.04 27.59 -10.72
C LYS D 238 13.39 26.89 -10.52
N TYR D 239 13.40 25.59 -10.78
CA TYR D 239 14.58 24.76 -10.52
C TYR D 239 15.52 24.68 -11.73
N LYS D 240 15.39 25.64 -12.64
CA LYS D 240 16.30 25.79 -13.77
C LYS D 240 17.52 26.60 -13.36
N ASN D 241 17.31 27.59 -12.50
CA ASN D 241 18.36 28.51 -12.06
C ASN D 241 19.58 27.84 -11.40
N SER D 242 20.67 28.61 -11.32
CA SER D 242 21.90 28.21 -10.63
C SER D 242 21.65 27.92 -9.15
N LYS D 243 20.76 28.71 -8.55
CA LYS D 243 20.34 28.55 -7.16
C LYS D 243 20.08 27.09 -6.83
N TYR D 244 19.36 26.41 -7.72
CA TYR D 244 19.01 25.01 -7.55
C TYR D 244 19.78 24.09 -8.49
N HIS D 245 21.01 24.50 -8.84
CA HIS D 245 21.97 23.70 -9.61
C HIS D 245 21.38 23.06 -10.88
N GLY D 246 20.40 23.72 -11.49
CA GLY D 246 19.76 23.25 -12.71
C GLY D 246 19.30 21.80 -12.72
N VAL D 247 18.71 21.34 -11.62
CA VAL D 247 18.34 19.93 -11.47
C VAL D 247 17.13 19.48 -12.30
N SER D 248 16.30 20.42 -12.74
CA SER D 248 15.11 20.09 -13.53
C SER D 248 15.41 19.89 -15.02
N LEU D 249 16.60 20.29 -15.44
CA LEU D 249 17.07 20.06 -16.81
C LEU D 249 17.74 18.69 -16.94
N LEU D 250 17.99 18.04 -15.80
CA LEU D 250 18.56 16.69 -15.76
C LEU D 250 17.54 15.67 -16.29
N ASN D 251 18.03 14.46 -16.57
CA ASN D 251 17.17 13.42 -17.11
C ASN D 251 16.81 12.35 -16.07
N PRO D 252 15.52 12.03 -15.98
CA PRO D 252 15.04 10.96 -15.10
C PRO D 252 15.47 9.60 -15.65
N PRO D 253 15.69 8.61 -14.79
CA PRO D 253 15.98 7.24 -15.24
C PRO D 253 14.85 6.67 -16.09
N GLU D 254 15.18 5.73 -16.97
CA GLU D 254 14.17 5.05 -17.78
C GLU D 254 13.32 4.13 -16.90
N THR D 255 14.00 3.36 -16.03
CA THR D 255 13.37 2.53 -15.01
C THR D 255 14.16 2.67 -13.70
N LEU D 256 13.56 2.22 -12.61
CA LEU D 256 14.17 2.34 -11.28
C LEU D 256 14.87 1.07 -10.82
N ASN D 257 14.64 -0.03 -11.56
CA ASN D 257 15.12 -1.36 -11.18
C ASN D 257 14.55 -1.82 -9.84
N LEU D 258 13.25 -1.60 -9.67
CA LEU D 258 12.54 -1.89 -8.42
C LEU D 258 11.10 -2.31 -8.70
O37 UCN E . -15.90 -37.65 -1.09
C9 UCN E . -16.80 -38.45 -0.33
N1 UCN E . -16.25 -39.07 0.88
C8 UCN E . -17.07 -39.05 1.94
O5 UCN E . -16.92 -39.57 3.02
C7 UCN E . -18.26 -38.29 1.56
C6 UCN E . -19.47 -37.89 2.30
C5 UCN E . -19.91 -38.09 3.69
C20 UCN E . -21.21 -37.42 3.77
C1 UCN E . -21.93 -37.43 4.99
C2 UCN E . -21.31 -38.07 6.08
C3 UCN E . -20.06 -38.69 5.97
C4 UCN E . -19.33 -38.71 4.78
N3 UCN E . -21.56 -36.87 2.52
C19 UCN E . -20.51 -37.13 1.61
C18 UCN E . -20.39 -36.78 0.26
N2 UCN E . -21.15 -36.07 -0.62
C17 UCN E . -20.61 -35.93 -1.85
C12 UCN E . -19.32 -36.64 -1.83
C13 UCN E . -18.45 -36.68 -2.97
C14 UCN E . -18.88 -36.06 -4.14
C15 UCN E . -20.11 -35.40 -4.21
C16 UCN E . -20.97 -35.31 -3.11
C11 UCN E . -19.16 -37.18 -0.46
C10 UCN E . -18.13 -37.90 0.16
C21 UCN E . -22.41 -35.43 -0.14
O4 UCN E . -23.07 -36.33 0.78
C25 UCN E . -22.84 -36.24 2.20
C24 UCN E . -22.88 -34.79 2.73
C23 UCN E . -23.07 -33.79 1.57
N4 UCN E . -23.02 -32.39 1.97
C28 UCN E . -22.61 -32.11 3.33
C22 UCN E . -22.04 -34.09 0.48
O6 UCN E . -20.70 -34.12 1.04
C27 UCN E . -19.75 -33.25 0.41
C26 UCN E . -23.44 -35.21 -1.24
O37 UCN F . 1.75 32.72 31.38
C9 UCN F . 0.66 33.48 32.05
N1 UCN F . 0.25 32.94 33.35
C8 UCN F . 0.53 33.73 34.41
O5 UCN F . 0.25 33.56 35.58
C7 UCN F . 1.23 34.91 33.90
C6 UCN F . 1.79 36.11 34.56
C5 UCN F . 1.93 36.51 35.96
C20 UCN F . 2.70 37.78 35.92
C1 UCN F . 3.04 38.41 37.10
C2 UCN F . 2.68 37.78 38.30
C3 UCN F . 1.99 36.55 38.32
C4 UCN F . 1.62 35.88 37.14
N3 UCN F . 2.91 38.15 34.57
C19 UCN F . 2.46 37.12 33.73
C18 UCN F . 2.53 37.00 32.33
N2 UCN F . 3.06 37.74 31.33
C17 UCN F . 2.96 37.17 30.09
C12 UCN F . 2.21 35.90 30.27
C13 UCN F . 1.96 34.98 29.20
C14 UCN F . 2.38 35.34 27.93
C15 UCN F . 3.08 36.53 27.71
C16 UCN F . 3.38 37.43 28.73
C11 UCN F . 1.93 35.79 31.70
C10 UCN F . 1.33 34.78 32.45
C21 UCN F . 3.78 39.02 31.67
O4 UCN F . 3.02 39.66 32.71
C25 UCN F . 3.38 39.46 34.09
C24 UCN F . 4.87 39.55 34.40
C23 UCN F . 5.66 39.77 33.13
N4 UCN F . 7.08 39.71 33.42
C28 UCN F . 7.69 40.85 34.09
C22 UCN F . 5.23 38.73 32.09
O6 UCN F . 5.38 37.42 32.69
C27 UCN F . 6.03 36.48 31.82
C26 UCN F . 3.79 40.01 30.50
#